data_5Z9O
#
_entry.id   5Z9O
#
_cell.length_a   120.982
_cell.length_b   120.982
_cell.length_c   163.487
_cell.angle_alpha   90.00
_cell.angle_beta   90.00
_cell.angle_gamma   120.00
#
_symmetry.space_group_name_H-M   'P 61'
#
loop_
_entity.id
_entity.type
_entity.pdbx_description
1 polymer 'Cyclopropane-fatty-acyl-phospholipid synthase'
2 non-polymer 'CARBONATE ION'
3 non-polymer L-ALPHA-PHOSPHATIDYL-BETA-OLEOYL-GAMMA-PALMITOYL-PHOSPHATIDYLETHANOLAMINE
4 water water
#
_entity_poly.entity_id   1
_entity_poly.type   'polypeptide(L)'
_entity_poly.pdbx_seq_one_letter_code
;MLEKTFYKMMLSKSFPFPVEVTYWDGKSEVYGNGTPEIHITFNEKIPMSDITKNASLALGEAYMDKKIEIQGSIQELING
AYQSADSFMRSSKFRKFLPKSKHTEKQSEEDVQSHYDIGNDFYKLWLDPTMTYSCAYFTDDNKDDLEQAQIAKVHHILNK
LHPEKGKTLLDIGCGWGTLMLTAAKEYGLKVTGVTLSEEQYKLVQKKIYDEGLEDVAEVKLEDYRELGDQQWDYVTSVGM
FEHVGSENLGEYFKDVAKYLKNDGVALIHGITRQQGGATNAWINKYIFPGGYIPGLVEIISRIEEANLQVSDVEMLRRHY
QRTLEIWDKNFNNARPEIEKNMGERFCRMWDLYLQACAASFESGNIDVVQYLLTKGPSGKSLPMTRKYMLNDKHHHHHH
;
_entity_poly.pdbx_strand_id   A,B
#
# COMPACT_ATOMS: atom_id res chain seq x y z
N LEU A 2 -24.75 -22.31 -20.92
CA LEU A 2 -23.53 -23.03 -21.34
C LEU A 2 -22.98 -23.88 -20.18
N GLU A 3 -21.88 -23.44 -19.56
CA GLU A 3 -21.28 -24.18 -18.48
C GLU A 3 -20.84 -23.29 -17.32
N LYS A 4 -21.60 -23.47 -16.28
CA LYS A 4 -21.22 -23.00 -14.98
C LYS A 4 -19.88 -23.61 -14.55
N THR A 5 -19.62 -24.85 -14.96
CA THR A 5 -18.35 -25.52 -14.70
C THR A 5 -17.18 -24.80 -15.34
N PHE A 6 -17.37 -24.36 -16.59
CA PHE A 6 -16.32 -23.68 -17.34
C PHE A 6 -16.07 -22.30 -16.75
N TYR A 7 -17.13 -21.58 -16.38
CA TYR A 7 -16.98 -20.29 -15.75
C TYR A 7 -16.31 -20.36 -14.36
N LYS A 8 -16.68 -21.37 -13.57
CA LYS A 8 -16.08 -21.58 -12.26
C LYS A 8 -14.59 -21.91 -12.41
N MET A 9 -14.27 -22.77 -13.38
CA MET A 9 -12.88 -23.13 -13.65
C MET A 9 -12.08 -21.86 -13.96
N MET A 10 -12.63 -21.00 -14.81
CA MET A 10 -11.96 -19.81 -15.25
C MET A 10 -11.83 -18.78 -14.10
N LEU A 11 -12.94 -18.44 -13.46
CA LEU A 11 -12.97 -17.35 -12.50
C LEU A 11 -12.37 -17.73 -11.16
N SER A 12 -12.52 -18.98 -10.76
CA SER A 12 -12.00 -19.38 -9.46
C SER A 12 -10.47 -19.57 -9.47
N LYS A 13 -9.86 -19.59 -10.66
CA LYS A 13 -8.41 -19.78 -10.77
C LYS A 13 -7.74 -18.47 -11.25
N SER A 14 -8.54 -17.41 -11.42
CA SER A 14 -8.09 -16.17 -12.01
C SER A 14 -7.50 -15.11 -11.08
N PHE A 15 -7.84 -15.12 -9.79
CA PHE A 15 -7.51 -13.98 -8.94
C PHE A 15 -6.81 -14.38 -7.66
N PRO A 16 -5.79 -13.62 -7.21
CA PRO A 16 -5.15 -13.98 -5.96
C PRO A 16 -5.86 -13.41 -4.73
N PHE A 17 -7.07 -12.91 -4.92
CA PHE A 17 -7.85 -12.31 -3.85
C PHE A 17 -9.31 -12.74 -4.04
N PRO A 18 -10.15 -12.60 -2.99
CA PRO A 18 -11.54 -13.05 -3.21
C PRO A 18 -12.28 -12.10 -4.15
N VAL A 19 -13.17 -12.65 -4.97
CA VAL A 19 -13.92 -11.89 -5.95
C VAL A 19 -15.37 -12.43 -5.92
N GLU A 20 -16.36 -11.55 -6.08
CA GLU A 20 -17.73 -12.01 -6.20
C GLU A 20 -18.22 -12.00 -7.65
N VAL A 21 -18.82 -13.10 -8.07
CA VAL A 21 -19.38 -13.23 -9.42
C VAL A 21 -20.89 -13.45 -9.38
N THR A 22 -21.64 -12.57 -10.04
CA THR A 22 -23.08 -12.74 -10.25
C THR A 22 -23.27 -13.13 -11.70
N TYR A 23 -23.95 -14.25 -11.93
CA TYR A 23 -24.14 -14.74 -13.31
C TYR A 23 -25.40 -14.17 -14.01
N TRP A 24 -25.62 -14.55 -15.28
CA TRP A 24 -26.73 -14.05 -16.12
C TRP A 24 -28.08 -14.56 -15.63
N ASP A 25 -28.08 -15.69 -14.92
CA ASP A 25 -29.32 -16.18 -14.31
C ASP A 25 -29.58 -15.56 -12.92
N GLY A 26 -28.81 -14.55 -12.53
CA GLY A 26 -28.99 -13.91 -11.23
C GLY A 26 -28.31 -14.55 -10.02
N LYS A 27 -27.76 -15.76 -10.19
CA LYS A 27 -27.06 -16.49 -9.10
C LYS A 27 -25.65 -15.95 -8.81
N SER A 28 -25.21 -16.07 -7.56
CA SER A 28 -23.95 -15.53 -7.07
C SER A 28 -23.08 -16.52 -6.33
N GLU A 29 -21.77 -16.29 -6.39
CA GLU A 29 -20.80 -17.07 -5.65
C GLU A 29 -19.65 -16.14 -5.33
N VAL A 30 -18.93 -16.47 -4.27
CA VAL A 30 -17.66 -15.83 -3.97
C VAL A 30 -16.57 -16.86 -4.19
N TYR A 31 -15.53 -16.48 -4.93
CA TYR A 31 -14.38 -17.37 -5.09
C TYR A 31 -13.25 -16.81 -4.25
N GLY A 32 -12.75 -17.62 -3.32
CA GLY A 32 -11.70 -17.25 -2.39
C GLY A 32 -12.19 -16.97 -0.97
N ASN A 33 -11.26 -16.78 -0.06
CA ASN A 33 -11.54 -16.42 1.31
C ASN A 33 -11.48 -14.89 1.53
N GLY A 34 -12.20 -14.38 2.51
CA GLY A 34 -12.19 -12.97 2.81
C GLY A 34 -13.38 -12.30 2.17
N THR A 35 -13.50 -11.02 2.39
CA THR A 35 -14.62 -10.32 1.78
C THR A 35 -14.19 -9.66 0.43
N PRO A 36 -14.90 -9.98 -0.68
CA PRO A 36 -14.55 -9.53 -2.04
C PRO A 36 -14.43 -8.00 -2.17
N GLU A 37 -13.35 -7.51 -2.77
CA GLU A 37 -13.28 -6.07 -3.04
C GLU A 37 -13.77 -5.73 -4.45
N ILE A 38 -13.99 -6.75 -5.26
CA ILE A 38 -14.35 -6.57 -6.65
C ILE A 38 -15.54 -7.49 -6.87
N HIS A 39 -16.55 -6.98 -7.55
CA HIS A 39 -17.76 -7.74 -7.86
C HIS A 39 -18.00 -7.73 -9.38
N ILE A 40 -18.00 -8.91 -9.99
CA ILE A 40 -18.15 -9.05 -11.44
C ILE A 40 -19.54 -9.57 -11.70
N THR A 41 -20.28 -8.89 -12.55
CA THR A 41 -21.61 -9.30 -12.95
C THR A 41 -21.68 -9.55 -14.46
N PHE A 42 -22.03 -10.76 -14.84
CA PHE A 42 -22.43 -11.05 -16.19
C PHE A 42 -23.93 -10.78 -16.38
N ASN A 43 -24.27 -9.65 -16.98
CA ASN A 43 -25.66 -9.37 -17.41
C ASN A 43 -26.12 -10.31 -18.54
N GLU A 44 -25.17 -10.98 -19.19
CA GLU A 44 -25.45 -11.88 -20.30
C GLU A 44 -24.39 -12.94 -20.37
N LYS A 45 -24.76 -14.11 -20.88
CA LYS A 45 -23.83 -15.21 -21.05
C LYS A 45 -22.92 -14.93 -22.24
N ILE A 46 -21.61 -15.07 -22.04
CA ILE A 46 -20.66 -14.94 -23.14
C ILE A 46 -20.37 -16.39 -23.48
N PRO A 47 -20.53 -16.77 -24.75
CA PRO A 47 -20.29 -18.18 -25.14
C PRO A 47 -18.88 -18.67 -24.75
N MET A 48 -18.76 -19.87 -24.20
CA MET A 48 -17.49 -20.47 -23.80
C MET A 48 -16.49 -20.41 -24.94
N SER A 49 -16.93 -20.86 -26.11
CA SER A 49 -16.08 -20.96 -27.28
C SER A 49 -15.46 -19.60 -27.66
N ASP A 50 -16.19 -18.50 -27.44
CA ASP A 50 -15.66 -17.13 -27.64
C ASP A 50 -14.53 -16.77 -26.66
N ILE A 51 -14.72 -17.18 -25.40
CA ILE A 51 -13.79 -16.91 -24.32
C ILE A 51 -12.54 -17.79 -24.55
N THR A 52 -12.80 -19.02 -24.98
CA THR A 52 -11.77 -19.99 -25.24
C THR A 52 -10.81 -19.60 -26.36
N LYS A 53 -11.29 -18.89 -27.37
CA LYS A 53 -10.38 -18.51 -28.44
C LYS A 53 -9.64 -17.21 -28.22
N ASN A 54 -10.31 -16.23 -27.67
CA ASN A 54 -9.63 -15.09 -27.07
C ASN A 54 -10.44 -14.43 -25.96
N ALA A 55 -10.04 -14.72 -24.72
CA ALA A 55 -10.69 -14.13 -23.55
C ALA A 55 -10.63 -12.59 -23.53
N SER A 56 -9.49 -12.02 -23.95
CA SER A 56 -9.32 -10.56 -23.97
C SER A 56 -10.35 -9.93 -24.86
N LEU A 57 -10.51 -10.49 -26.05
CA LEU A 57 -11.41 -9.97 -27.05
C LEU A 57 -12.84 -10.16 -26.58
N ALA A 58 -13.21 -11.42 -26.27
CA ALA A 58 -14.53 -11.78 -25.77
C ALA A 58 -14.95 -10.96 -24.53
N LEU A 59 -14.18 -11.06 -23.45
CA LEU A 59 -14.54 -10.40 -22.22
C LEU A 59 -14.43 -8.87 -22.36
N GLY A 60 -13.44 -8.43 -23.12
CA GLY A 60 -13.20 -7.02 -23.38
C GLY A 60 -14.35 -6.34 -24.12
N GLU A 61 -14.83 -6.95 -25.22
CA GLU A 61 -16.00 -6.36 -25.91
C GLU A 61 -17.24 -6.47 -25.04
N ALA A 62 -17.41 -7.63 -24.39
CA ALA A 62 -18.53 -7.83 -23.46
C ALA A 62 -18.57 -6.67 -22.46
N TYR A 63 -17.42 -6.34 -21.86
CA TYR A 63 -17.36 -5.27 -20.90
C TYR A 63 -17.75 -3.91 -21.52
N MET A 64 -17.26 -3.67 -22.74
CA MET A 64 -17.56 -2.44 -23.49
C MET A 64 -19.07 -2.31 -23.78
N ASP A 65 -19.70 -3.45 -24.04
CA ASP A 65 -21.09 -3.55 -24.42
C ASP A 65 -22.04 -3.51 -23.20
N LYS A 66 -21.46 -3.30 -22.02
CA LYS A 66 -22.17 -3.37 -20.76
C LYS A 66 -22.80 -4.76 -20.46
N LYS A 67 -22.32 -5.81 -21.11
CA LYS A 67 -22.77 -7.19 -20.83
C LYS A 67 -22.04 -7.81 -19.64
N ILE A 68 -20.87 -7.27 -19.31
CA ILE A 68 -20.21 -7.49 -18.05
C ILE A 68 -20.13 -6.13 -17.37
N GLU A 69 -20.50 -6.11 -16.10
CA GLU A 69 -20.24 -4.93 -15.27
C GLU A 69 -19.34 -5.28 -14.11
N ILE A 70 -18.63 -4.27 -13.61
CA ILE A 70 -17.62 -4.48 -12.59
C ILE A 70 -17.83 -3.45 -11.51
N GLN A 71 -17.92 -3.85 -10.25
CA GLN A 71 -17.83 -2.90 -9.12
C GLN A 71 -16.51 -3.15 -8.48
N GLY A 72 -15.72 -2.08 -8.35
CA GLY A 72 -14.33 -2.20 -7.85
C GLY A 72 -13.34 -1.94 -8.98
N SER A 73 -12.06 -1.84 -8.64
CA SER A 73 -11.02 -1.43 -9.54
C SER A 73 -10.78 -2.43 -10.73
N ILE A 74 -11.02 -1.96 -11.96
CA ILE A 74 -10.68 -2.72 -13.17
C ILE A 74 -9.17 -3.04 -13.12
N GLN A 75 -8.37 -2.04 -12.80
CA GLN A 75 -6.90 -2.21 -12.67
C GLN A 75 -6.55 -3.36 -11.73
N GLU A 76 -7.16 -3.36 -10.53
CA GLU A 76 -6.87 -4.42 -9.60
C GLU A 76 -7.36 -5.77 -10.11
N LEU A 77 -8.54 -5.79 -10.74
CA LEU A 77 -9.04 -7.00 -11.35
C LEU A 77 -7.98 -7.58 -12.32
N ILE A 78 -7.50 -6.74 -13.24
CA ILE A 78 -6.59 -7.21 -14.28
C ILE A 78 -5.22 -7.60 -13.65
N ASN A 79 -4.70 -6.74 -12.76
CA ASN A 79 -3.46 -7.00 -12.05
C ASN A 79 -3.52 -8.40 -11.43
N GLY A 80 -4.68 -8.70 -10.80
CA GLY A 80 -4.98 -10.01 -10.27
C GLY A 80 -4.82 -11.11 -11.29
N ALA A 81 -5.51 -10.98 -12.42
CA ALA A 81 -5.43 -11.97 -13.50
C ALA A 81 -4.03 -12.23 -14.01
N TYR A 82 -3.21 -11.18 -14.12
CA TYR A 82 -1.83 -11.34 -14.55
C TYR A 82 -0.91 -12.04 -13.54
N GLN A 83 -1.30 -12.04 -12.27
CA GLN A 83 -0.56 -12.77 -11.27
C GLN A 83 -0.88 -14.26 -11.24
N SER A 84 -1.92 -14.71 -11.93
CA SER A 84 -2.31 -16.15 -11.91
C SER A 84 -2.12 -16.86 -13.22
N ALA A 85 -1.28 -17.88 -13.17
CA ALA A 85 -0.94 -18.66 -14.36
C ALA A 85 -2.16 -19.23 -15.07
N ASP A 86 -3.22 -19.52 -14.31
CA ASP A 86 -4.44 -20.17 -14.86
C ASP A 86 -5.59 -19.22 -15.21
N SER A 87 -5.31 -17.93 -15.27
CA SER A 87 -6.36 -16.91 -15.42
C SER A 87 -6.72 -16.71 -16.88
N PHE A 88 -7.83 -16.02 -17.13
CA PHE A 88 -8.23 -15.68 -18.50
C PHE A 88 -7.22 -14.83 -19.26
N MET A 89 -6.35 -14.12 -18.55
CA MET A 89 -5.28 -13.31 -19.15
C MET A 89 -4.00 -14.10 -19.42
N ARG A 90 -3.83 -15.24 -18.73
CA ARG A 90 -2.57 -15.96 -18.76
C ARG A 90 -2.60 -17.37 -19.29
N SER A 91 -3.61 -18.16 -18.93
CA SER A 91 -3.72 -19.54 -19.40
C SER A 91 -3.93 -19.61 -20.90
N SER A 92 -3.28 -20.58 -21.54
CA SER A 92 -3.41 -20.79 -23.00
C SER A 92 -4.79 -21.38 -23.37
N LYS A 93 -5.47 -22.01 -22.39
CA LYS A 93 -6.89 -22.39 -22.53
C LYS A 93 -7.78 -21.24 -23.06
N PHE A 94 -7.30 -20.00 -23.01
CA PHE A 94 -8.11 -18.82 -23.36
C PHE A 94 -7.45 -17.95 -24.42
N ARG A 95 -6.48 -18.54 -25.12
CA ARG A 95 -5.86 -17.89 -26.27
C ARG A 95 -5.69 -18.85 -27.43
N LYS A 96 -6.71 -19.63 -27.78
CA LYS A 96 -6.64 -20.50 -28.99
C LYS A 96 -6.90 -19.65 -30.22
N SER A 114 -13.75 -2.11 -34.44
CA SER A 114 -14.43 -0.83 -34.51
C SER A 114 -13.40 0.28 -34.48
N HIS A 115 -13.69 1.41 -35.12
CA HIS A 115 -12.73 2.52 -35.10
C HIS A 115 -13.58 3.75 -34.88
N TYR A 116 -13.18 4.44 -33.83
CA TYR A 116 -13.65 5.72 -33.30
C TYR A 116 -12.85 6.91 -33.77
N ASP A 117 -13.51 8.04 -33.92
CA ASP A 117 -12.83 9.23 -34.44
C ASP A 117 -12.37 10.05 -33.24
N ILE A 118 -11.05 10.15 -33.08
CA ILE A 118 -10.47 10.92 -31.94
C ILE A 118 -9.35 11.78 -32.49
N GLY A 119 -9.20 12.98 -31.94
CA GLY A 119 -8.05 13.83 -32.24
C GLY A 119 -7.66 14.67 -31.04
N ASN A 120 -6.93 15.76 -31.30
CA ASN A 120 -6.34 16.59 -30.24
C ASN A 120 -7.24 17.14 -29.13
N ASP A 121 -8.53 17.37 -29.42
CA ASP A 121 -9.51 17.78 -28.41
C ASP A 121 -9.58 16.76 -27.28
N PHE A 122 -9.63 15.48 -27.68
CA PHE A 122 -9.66 14.33 -26.79
C PHE A 122 -8.42 14.23 -25.92
N TYR A 123 -7.26 14.08 -26.55
CA TYR A 123 -6.01 13.97 -25.83
C TYR A 123 -5.78 15.13 -24.88
N LYS A 124 -6.11 16.34 -25.32
CA LYS A 124 -5.90 17.56 -24.55
C LYS A 124 -6.43 17.46 -23.09
N LEU A 125 -7.51 16.69 -22.90
CA LEU A 125 -8.28 16.67 -21.65
C LEU A 125 -7.65 15.85 -20.56
N TRP A 126 -6.94 14.78 -20.95
CA TRP A 126 -6.34 13.88 -19.99
C TRP A 126 -4.81 13.78 -19.95
N LEU A 127 -4.13 14.16 -21.04
CA LEU A 127 -2.67 14.28 -21.02
C LEU A 127 -2.28 15.56 -20.31
N ASP A 128 -1.02 15.70 -19.92
CA ASP A 128 -0.55 16.93 -19.26
C ASP A 128 -0.51 18.12 -20.30
N PRO A 129 -0.27 19.38 -19.84
CA PRO A 129 -0.18 20.50 -20.85
C PRO A 129 0.74 20.22 -22.06
N THR A 130 1.85 19.50 -21.82
CA THR A 130 2.82 19.05 -22.82
C THR A 130 2.32 18.16 -23.93
N MET A 131 1.23 17.42 -23.71
CA MET A 131 0.68 16.49 -24.71
C MET A 131 1.57 15.24 -24.96
N THR A 132 2.44 14.92 -24.00
CA THR A 132 3.28 13.72 -24.10
C THR A 132 2.44 12.45 -23.89
N TYR A 133 2.36 11.67 -24.96
CA TYR A 133 1.70 10.39 -24.93
C TYR A 133 2.80 9.34 -24.86
N SER A 134 3.42 9.26 -23.70
CA SER A 134 4.58 8.40 -23.50
C SER A 134 4.89 8.28 -21.99
N CYS A 135 5.71 7.30 -21.59
CA CYS A 135 6.02 7.10 -20.17
C CYS A 135 6.68 8.32 -19.52
N ALA A 136 6.25 8.66 -18.30
CA ALA A 136 6.84 9.77 -17.51
C ALA A 136 7.87 9.27 -16.52
N TYR A 137 8.56 10.18 -15.82
CA TYR A 137 9.61 9.79 -14.89
C TYR A 137 9.41 10.51 -13.56
N PHE A 138 9.11 9.73 -12.51
CA PHE A 138 8.76 10.26 -11.18
C PHE A 138 9.95 10.18 -10.25
N THR A 139 10.50 11.34 -9.92
CA THR A 139 11.51 11.46 -8.89
C THR A 139 10.87 11.33 -7.49
N ASP A 140 11.58 10.68 -6.55
CA ASP A 140 11.13 10.41 -5.16
C ASP A 140 10.36 11.57 -4.45
N ASP A 141 10.67 12.81 -4.82
CA ASP A 141 9.97 14.00 -4.35
C ASP A 141 8.63 14.31 -5.05
N ASN A 142 8.33 13.64 -6.17
CA ASN A 142 7.15 13.91 -7.04
C ASN A 142 6.26 12.66 -7.11
N LYS A 143 5.07 12.75 -6.55
CA LYS A 143 4.18 11.60 -6.48
C LYS A 143 3.10 11.58 -7.56
N ASP A 144 2.71 12.76 -8.06
CA ASP A 144 1.64 12.82 -9.07
C ASP A 144 1.57 14.05 -9.94
N ASP A 145 2.65 14.80 -10.02
CA ASP A 145 2.72 15.96 -10.89
C ASP A 145 3.17 15.47 -12.26
N LEU A 146 2.18 15.29 -13.13
CA LEU A 146 2.38 14.66 -14.43
C LEU A 146 3.23 15.52 -15.37
N GLU A 147 2.94 16.82 -15.46
CA GLU A 147 3.76 17.73 -16.25
C GLU A 147 5.20 17.67 -15.77
N GLN A 148 5.41 17.80 -14.45
CA GLN A 148 6.77 17.77 -13.91
C GLN A 148 7.49 16.47 -14.25
N ALA A 149 6.73 15.38 -14.36
CA ALA A 149 7.31 14.07 -14.61
C ALA A 149 7.63 13.84 -16.09
N GLN A 150 6.83 14.40 -16.98
CA GLN A 150 7.13 14.38 -18.42
C GLN A 150 8.34 15.26 -18.79
N ILE A 151 8.54 16.34 -18.04
CA ILE A 151 9.74 17.15 -18.20
C ILE A 151 10.94 16.37 -17.64
N ALA A 152 10.78 15.78 -16.47
CA ALA A 152 11.87 15.02 -15.84
C ALA A 152 12.32 13.84 -16.71
N LYS A 153 11.38 13.23 -17.44
CA LYS A 153 11.69 12.13 -18.35
C LYS A 153 12.67 12.55 -19.45
N VAL A 154 12.39 13.72 -20.03
CA VAL A 154 13.21 14.32 -21.08
C VAL A 154 14.64 14.57 -20.55
N HIS A 155 14.77 15.12 -19.33
CA HIS A 155 16.09 15.34 -18.75
C HIS A 155 16.79 14.01 -18.45
N HIS A 156 16.01 13.03 -17.98
CA HIS A 156 16.54 11.71 -17.67
C HIS A 156 17.13 11.05 -18.93
N ILE A 157 16.43 11.14 -20.06
CA ILE A 157 16.94 10.65 -21.34
C ILE A 157 18.17 11.42 -21.78
N LEU A 158 18.08 12.75 -21.86
CA LEU A 158 19.19 13.57 -22.38
C LEU A 158 20.45 13.45 -21.53
N ASN A 159 20.30 13.41 -20.20
CA ASN A 159 21.46 13.26 -19.32
C ASN A 159 22.28 12.01 -19.60
N LYS A 160 21.59 10.94 -19.98
CA LYS A 160 22.21 9.64 -20.21
C LYS A 160 23.22 9.70 -21.36
N LEU A 161 23.03 10.67 -22.26
CA LEU A 161 23.91 10.90 -23.40
C LEU A 161 25.24 11.55 -23.02
N HIS A 162 25.31 12.14 -21.82
CA HIS A 162 26.43 13.03 -21.39
C HIS A 162 26.68 14.02 -22.54
N PRO A 163 25.65 14.82 -22.89
CA PRO A 163 25.74 15.51 -24.18
C PRO A 163 26.73 16.67 -24.14
N GLU A 164 27.54 16.74 -25.20
CA GLU A 164 28.57 17.73 -25.37
C GLU A 164 28.05 18.95 -26.13
N LYS A 165 28.22 20.13 -25.54
CA LYS A 165 27.84 21.39 -26.19
C LYS A 165 28.27 21.45 -27.68
N GLY A 166 27.31 21.72 -28.56
CA GLY A 166 27.59 21.87 -29.97
C GLY A 166 27.55 20.61 -30.82
N LYS A 167 27.40 19.45 -30.19
CA LYS A 167 27.20 18.19 -30.92
C LYS A 167 25.75 18.07 -31.46
N THR A 168 25.56 17.23 -32.49
CA THR A 168 24.26 17.05 -33.12
C THR A 168 23.42 15.84 -32.60
N LEU A 169 22.08 15.97 -32.59
CA LEU A 169 21.14 14.97 -32.08
C LEU A 169 20.01 14.73 -33.05
N LEU A 170 19.73 13.47 -33.33
CA LEU A 170 18.55 13.13 -34.09
C LEU A 170 17.50 12.52 -33.14
N ASP A 171 16.32 13.14 -33.06
CA ASP A 171 15.19 12.54 -32.33
C ASP A 171 14.21 11.86 -33.28
N ILE A 172 14.15 10.53 -33.25
CA ILE A 172 13.32 9.77 -34.17
C ILE A 172 11.90 9.68 -33.58
N GLY A 173 10.92 10.32 -34.24
CA GLY A 173 9.56 10.45 -33.73
C GLY A 173 9.55 11.49 -32.63
N CYS A 174 9.60 12.75 -33.03
CA CYS A 174 9.87 13.84 -32.11
C CYS A 174 8.62 14.36 -31.39
N GLY A 175 7.44 13.81 -31.71
CA GLY A 175 6.19 14.20 -31.01
C GLY A 175 5.91 15.68 -31.12
N TRP A 176 5.61 16.34 -30.00
CA TRP A 176 5.34 17.79 -29.97
C TRP A 176 6.62 18.60 -29.67
N GLY A 177 7.77 17.93 -29.76
CA GLY A 177 9.06 18.58 -29.74
C GLY A 177 9.65 18.89 -28.39
N THR A 178 9.02 18.39 -27.33
CA THR A 178 9.54 18.58 -25.95
C THR A 178 11.01 18.11 -25.77
N LEU A 179 11.36 16.94 -26.30
CA LEU A 179 12.74 16.43 -26.16
C LEU A 179 13.72 17.29 -26.99
N MET A 180 13.48 17.32 -28.31
CA MET A 180 14.12 18.25 -29.26
C MET A 180 14.45 19.63 -28.69
N LEU A 181 13.39 20.36 -28.33
CA LEU A 181 13.53 21.72 -27.90
C LEU A 181 14.31 21.84 -26.59
N THR A 182 14.18 20.85 -25.71
CA THR A 182 14.93 20.87 -24.44
C THR A 182 16.43 20.64 -24.69
N ALA A 183 16.73 19.77 -25.64
CA ALA A 183 18.10 19.53 -26.07
C ALA A 183 18.75 20.82 -26.62
N ALA A 184 18.00 21.55 -27.43
CA ALA A 184 18.49 22.79 -28.04
C ALA A 184 18.62 23.94 -27.01
N LYS A 185 17.57 24.21 -26.24
CA LYS A 185 17.56 25.28 -25.27
C LYS A 185 18.40 25.07 -24.02
N GLU A 186 18.55 23.82 -23.56
CA GLU A 186 19.21 23.58 -22.27
C GLU A 186 20.49 22.77 -22.32
N TYR A 187 20.76 22.11 -23.45
CA TYR A 187 21.95 21.26 -23.59
C TYR A 187 22.90 21.75 -24.70
N GLY A 188 22.51 22.86 -25.35
CA GLY A 188 23.24 23.44 -26.48
C GLY A 188 23.56 22.43 -27.56
N LEU A 189 22.51 21.80 -28.08
CA LEU A 189 22.67 20.74 -29.06
C LEU A 189 22.06 21.18 -30.37
N LYS A 190 22.72 20.85 -31.47
CA LYS A 190 22.15 21.11 -32.80
C LYS A 190 21.26 19.93 -33.07
N VAL A 191 19.98 20.20 -33.21
CA VAL A 191 18.96 19.18 -33.08
C VAL A 191 18.16 18.97 -34.37
N THR A 192 17.91 17.72 -34.73
CA THR A 192 16.98 17.36 -35.82
C THR A 192 15.85 16.44 -35.31
N GLY A 193 14.60 16.88 -35.45
CA GLY A 193 13.43 16.07 -35.11
C GLY A 193 12.71 15.58 -36.35
N VAL A 194 12.11 14.39 -36.27
CA VAL A 194 11.47 13.78 -37.42
C VAL A 194 10.08 13.23 -37.01
N THR A 195 9.05 13.56 -37.79
CA THR A 195 7.69 13.03 -37.61
C THR A 195 7.07 12.73 -38.94
N LEU A 196 6.09 11.82 -38.94
CA LEU A 196 5.19 11.66 -40.06
C LEU A 196 3.86 12.40 -39.84
N SER A 197 3.75 13.18 -38.77
CA SER A 197 2.50 13.86 -38.43
C SER A 197 2.53 15.36 -38.74
N GLU A 198 1.66 15.78 -39.66
CA GLU A 198 1.58 17.18 -40.12
C GLU A 198 1.26 18.10 -38.97
N GLU A 199 0.25 17.67 -38.21
CA GLU A 199 -0.26 18.34 -37.02
C GLU A 199 0.93 18.66 -36.09
N GLN A 200 1.78 17.65 -35.84
CA GLN A 200 2.99 17.79 -35.04
C GLN A 200 4.08 18.63 -35.68
N TYR A 201 4.34 18.38 -36.97
CA TYR A 201 5.28 19.17 -37.75
C TYR A 201 5.01 20.68 -37.62
N LYS A 202 3.73 21.09 -37.81
CA LYS A 202 3.30 22.52 -37.72
C LYS A 202 3.68 23.26 -36.43
N LEU A 203 3.98 22.54 -35.35
CA LEU A 203 4.91 23.08 -34.33
C LEU A 203 6.45 23.10 -34.69
N VAL A 204 6.74 23.46 -35.98
CA VAL A 204 7.94 24.23 -36.47
C VAL A 204 7.74 25.71 -36.08
N GLN A 205 6.48 26.09 -35.91
CA GLN A 205 6.11 27.42 -35.42
C GLN A 205 6.77 27.74 -34.07
N LYS A 206 7.04 26.73 -33.25
CA LYS A 206 7.82 26.93 -32.03
C LYS A 206 9.29 27.28 -32.31
N LYS A 207 9.91 26.73 -33.35
CA LYS A 207 11.28 27.14 -33.69
C LYS A 207 11.32 28.62 -34.09
N ILE A 208 10.46 29.02 -35.03
CA ILE A 208 10.37 30.42 -35.48
C ILE A 208 9.97 31.38 -34.34
N TYR A 209 9.03 31.00 -33.52
CA TYR A 209 8.60 31.89 -32.48
C TYR A 209 9.47 31.78 -31.25
N ASP A 210 9.89 30.57 -30.89
CA ASP A 210 10.66 30.41 -29.65
C ASP A 210 11.89 31.27 -29.53
N GLU A 211 12.85 31.08 -30.44
CA GLU A 211 14.09 31.83 -30.49
C GLU A 211 13.95 31.15 -31.84
N GLY A 212 14.58 31.74 -32.86
CA GLY A 212 14.49 31.34 -34.26
C GLY A 212 15.54 30.51 -33.60
N LEU A 213 15.06 29.31 -33.36
CA LEU A 213 15.87 28.39 -32.67
C LEU A 213 16.43 27.77 -33.98
N GLU A 214 16.10 28.37 -35.13
CA GLU A 214 16.47 27.80 -36.43
C GLU A 214 17.94 27.44 -36.67
N ASP A 215 18.86 28.12 -36.00
CA ASP A 215 20.28 27.77 -36.06
C ASP A 215 20.63 26.51 -35.25
N VAL A 216 19.74 26.13 -34.34
CA VAL A 216 19.98 25.02 -33.41
C VAL A 216 18.91 23.90 -33.45
N ALA A 217 17.89 24.04 -34.30
CA ALA A 217 16.81 23.05 -34.35
C ALA A 217 16.05 23.04 -35.66
N GLU A 218 15.88 21.88 -36.25
CA GLU A 218 14.99 21.70 -37.39
C GLU A 218 14.07 20.53 -37.08
N VAL A 219 12.89 20.54 -37.68
CA VAL A 219 11.98 19.42 -37.64
C VAL A 219 11.66 19.04 -39.08
N LYS A 220 11.46 17.76 -39.36
CA LYS A 220 11.24 17.36 -40.76
C LYS A 220 10.04 16.46 -40.86
N LEU A 221 9.16 16.76 -41.79
CA LEU A 221 8.00 15.92 -42.02
C LEU A 221 8.41 14.83 -42.98
N GLU A 222 9.01 13.76 -42.44
CA GLU A 222 9.38 12.56 -43.22
C GLU A 222 9.51 11.27 -42.43
N ASP A 223 9.60 10.17 -43.18
CA ASP A 223 9.85 8.83 -42.69
C ASP A 223 11.31 8.72 -42.28
N TYR A 224 11.57 8.42 -40.99
CA TYR A 224 12.93 8.19 -40.46
C TYR A 224 13.65 7.07 -41.21
N ARG A 225 12.92 6.15 -41.85
CA ARG A 225 13.54 5.01 -42.55
C ARG A 225 14.53 5.34 -43.68
N GLU A 226 14.42 6.54 -44.28
CA GLU A 226 15.44 7.02 -45.23
C GLU A 226 15.69 8.53 -45.11
N LEU A 227 16.64 8.88 -44.25
CA LEU A 227 17.18 10.23 -44.18
C LEU A 227 18.50 10.35 -44.96
N GLY A 228 18.74 9.36 -45.83
CA GLY A 228 19.93 9.29 -46.67
C GLY A 228 21.20 8.98 -45.89
N ASP A 229 22.23 9.80 -46.10
CA ASP A 229 23.59 9.53 -45.62
C ASP A 229 23.99 10.31 -44.38
N GLN A 230 23.07 11.11 -43.84
CA GLN A 230 23.44 11.91 -42.65
C GLN A 230 23.68 11.05 -41.39
N GLN A 231 24.50 11.60 -40.49
CA GLN A 231 24.85 10.95 -39.26
C GLN A 231 24.94 11.95 -38.13
N TRP A 232 24.49 11.53 -36.96
CA TRP A 232 24.50 12.43 -35.83
C TRP A 232 25.34 11.86 -34.71
N ASP A 233 25.77 12.76 -33.82
CA ASP A 233 26.49 12.36 -32.61
C ASP A 233 25.62 11.54 -31.65
N TYR A 234 24.31 11.85 -31.62
CA TYR A 234 23.35 11.21 -30.74
C TYR A 234 22.07 10.88 -31.48
N VAL A 235 21.44 9.78 -31.09
CA VAL A 235 20.10 9.43 -31.55
C VAL A 235 19.23 9.20 -30.30
N THR A 236 18.01 9.75 -30.31
CA THR A 236 17.03 9.39 -29.33
C THR A 236 15.78 8.89 -30.05
N SER A 237 15.02 8.02 -29.40
CA SER A 237 13.83 7.49 -30.00
C SER A 237 12.96 6.94 -28.90
N VAL A 238 11.84 7.62 -28.69
CA VAL A 238 10.93 7.30 -27.62
C VAL A 238 9.62 6.83 -28.20
N GLY A 239 9.23 5.60 -27.92
CA GLY A 239 7.92 5.14 -28.31
C GLY A 239 7.72 4.81 -29.77
N MET A 240 8.79 4.39 -30.44
CA MET A 240 8.74 4.05 -31.86
C MET A 240 8.72 2.57 -32.10
N PHE A 241 9.56 1.82 -31.38
CA PHE A 241 9.73 0.41 -31.78
C PHE A 241 8.54 -0.52 -31.52
N GLU A 242 7.63 -0.08 -30.65
CA GLU A 242 6.40 -0.82 -30.39
C GLU A 242 5.50 -0.85 -31.64
N HIS A 243 5.69 0.14 -32.53
CA HIS A 243 4.86 0.27 -33.72
C HIS A 243 5.41 -0.47 -34.92
N VAL A 244 6.62 -1.00 -34.78
CA VAL A 244 7.39 -1.46 -35.91
C VAL A 244 7.03 -2.87 -36.36
N GLY A 245 6.68 -3.74 -35.41
CA GLY A 245 6.37 -5.16 -35.68
C GLY A 245 7.62 -6.03 -35.54
N SER A 246 7.43 -7.30 -35.23
CA SER A 246 8.50 -8.25 -35.10
C SER A 246 9.47 -8.29 -36.30
N GLU A 247 8.89 -8.39 -37.50
CA GLU A 247 9.61 -8.49 -38.77
C GLU A 247 10.57 -7.33 -39.07
N ASN A 248 10.26 -6.13 -38.62
CA ASN A 248 11.06 -4.96 -38.99
C ASN A 248 11.87 -4.43 -37.87
N LEU A 249 11.92 -5.17 -36.77
CA LEU A 249 12.65 -4.71 -35.59
C LEU A 249 14.16 -4.69 -35.84
N GLY A 250 14.67 -5.77 -36.42
CA GLY A 250 16.03 -5.78 -36.96
C GLY A 250 16.35 -4.51 -37.74
N GLU A 251 15.50 -4.22 -38.76
CA GLU A 251 15.67 -3.01 -39.59
C GLU A 251 15.73 -1.71 -38.80
N TYR A 252 14.83 -1.59 -37.81
CA TYR A 252 14.81 -0.43 -36.91
C TYR A 252 16.18 -0.20 -36.26
N PHE A 253 16.81 -1.26 -35.75
CA PHE A 253 18.06 -1.04 -35.06
C PHE A 253 19.22 -0.75 -36.02
N LYS A 254 19.17 -1.37 -37.20
CA LYS A 254 20.12 -1.03 -38.27
C LYS A 254 19.99 0.44 -38.68
N ASP A 255 18.75 0.95 -38.76
CA ASP A 255 18.56 2.39 -38.96
C ASP A 255 19.15 3.26 -37.86
N VAL A 256 18.92 2.89 -36.59
CA VAL A 256 19.55 3.63 -35.47
C VAL A 256 21.09 3.63 -35.66
N ALA A 257 21.65 2.47 -36.00
CA ALA A 257 23.10 2.35 -36.17
C ALA A 257 23.58 3.24 -37.32
N LYS A 258 22.93 3.08 -38.47
CA LYS A 258 23.19 3.86 -39.69
C LYS A 258 23.22 5.38 -39.42
N TYR A 259 22.30 5.90 -38.59
CA TYR A 259 22.32 7.33 -38.32
C TYR A 259 23.31 7.78 -37.28
N LEU A 260 23.94 6.82 -36.61
CA LEU A 260 24.97 7.18 -35.62
C LEU A 260 26.35 7.28 -36.26
N LYS A 261 27.05 8.35 -35.86
CA LYS A 261 28.51 8.41 -36.03
C LYS A 261 29.20 7.27 -35.29
N ASN A 262 30.38 6.92 -35.78
CA ASN A 262 31.21 5.96 -35.11
C ASN A 262 31.51 6.44 -33.70
N ASP A 263 31.34 5.51 -32.74
CA ASP A 263 31.40 5.76 -31.29
C ASP A 263 30.30 6.70 -30.74
N GLY A 264 29.27 6.94 -31.56
CA GLY A 264 28.09 7.71 -31.17
C GLY A 264 27.19 6.95 -30.21
N VAL A 265 26.31 7.71 -29.53
CA VAL A 265 25.46 7.21 -28.45
C VAL A 265 23.98 7.35 -28.77
N ALA A 266 23.22 6.26 -28.61
CA ALA A 266 21.78 6.34 -28.73
C ALA A 266 21.15 6.02 -27.39
N LEU A 267 20.03 6.69 -27.10
CA LEU A 267 19.11 6.24 -26.08
C LEU A 267 17.81 5.81 -26.73
N ILE A 268 17.57 4.49 -26.75
CA ILE A 268 16.34 3.92 -27.28
C ILE A 268 15.43 3.53 -26.12
N HIS A 269 14.16 3.98 -26.20
CA HIS A 269 13.20 3.87 -25.09
C HIS A 269 11.94 3.22 -25.61
N GLY A 270 11.50 2.17 -24.92
CA GLY A 270 10.30 1.48 -25.38
C GLY A 270 9.77 0.38 -24.49
N ILE A 271 8.47 0.12 -24.64
CA ILE A 271 7.80 -0.97 -23.95
C ILE A 271 8.38 -2.31 -24.45
N THR A 272 8.79 -3.16 -23.51
CA THR A 272 9.49 -4.42 -23.76
C THR A 272 8.93 -5.40 -22.76
N ARG A 273 8.76 -6.66 -23.16
CA ARG A 273 8.19 -7.68 -22.30
C ARG A 273 9.29 -8.70 -21.88
N GLN A 274 9.66 -8.67 -20.61
CA GLN A 274 10.66 -9.60 -20.09
C GLN A 274 10.42 -11.06 -20.47
N GLN A 275 9.16 -11.49 -20.52
CA GLN A 275 8.84 -12.91 -20.75
C GLN A 275 8.85 -13.32 -22.23
N GLY A 276 8.80 -12.37 -23.15
CA GLY A 276 8.82 -12.69 -24.58
C GLY A 276 7.78 -11.82 -25.24
N GLY A 277 7.98 -11.48 -26.51
CA GLY A 277 7.08 -10.56 -27.20
C GLY A 277 5.67 -11.08 -27.33
N ALA A 278 4.72 -10.15 -27.48
CA ALA A 278 3.31 -10.49 -27.64
C ALA A 278 2.53 -9.35 -28.23
N THR A 279 1.46 -9.72 -28.91
CA THR A 279 0.37 -8.82 -29.30
C THR A 279 -0.85 -9.28 -28.51
N ASN A 280 -1.60 -8.35 -27.94
CA ASN A 280 -2.85 -8.68 -27.33
C ASN A 280 -3.97 -8.46 -28.35
N ALA A 281 -4.85 -9.45 -28.55
CA ALA A 281 -5.95 -9.31 -29.54
C ALA A 281 -6.90 -8.12 -29.32
N TRP A 282 -7.21 -7.80 -28.05
CA TRP A 282 -8.12 -6.69 -27.76
C TRP A 282 -7.44 -5.36 -28.09
N ILE A 283 -6.19 -5.17 -27.63
CA ILE A 283 -5.44 -3.93 -27.90
C ILE A 283 -5.30 -3.71 -29.40
N ASN A 284 -4.98 -4.81 -30.10
CA ASN A 284 -4.75 -4.80 -31.54
C ASN A 284 -6.04 -4.40 -32.30
N LYS A 285 -7.19 -4.93 -31.88
CA LYS A 285 -8.46 -4.50 -32.47
C LYS A 285 -8.88 -3.07 -32.13
N TYR A 286 -8.68 -2.60 -30.89
CA TYR A 286 -9.26 -1.32 -30.50
C TYR A 286 -8.33 -0.14 -30.31
N ILE A 287 -7.04 -0.34 -30.08
CA ILE A 287 -6.22 0.77 -29.65
C ILE A 287 -5.01 0.92 -30.56
N PHE A 288 -4.22 -0.15 -30.69
CA PHE A 288 -3.00 -0.11 -31.48
C PHE A 288 -3.01 -1.26 -32.47
N PRO A 289 -3.74 -1.11 -33.59
CA PRO A 289 -3.69 -2.19 -34.61
C PRO A 289 -2.27 -2.26 -35.17
N GLY A 290 -1.78 -3.49 -35.37
CA GLY A 290 -0.39 -3.69 -35.77
C GLY A 290 0.71 -3.61 -34.71
N GLY A 291 0.48 -2.86 -33.62
CA GLY A 291 1.38 -2.80 -32.48
C GLY A 291 1.82 -4.17 -31.93
N TYR A 292 3.04 -4.21 -31.44
CA TYR A 292 3.65 -5.45 -30.96
C TYR A 292 4.66 -5.04 -29.90
N ILE A 293 4.63 -5.73 -28.75
CA ILE A 293 5.61 -5.48 -27.71
C ILE A 293 6.67 -6.56 -27.80
N PRO A 294 7.90 -6.18 -28.15
CA PRO A 294 8.94 -7.20 -28.32
C PRO A 294 9.41 -7.78 -26.97
N GLY A 295 10.11 -8.92 -27.02
CA GLY A 295 10.73 -9.51 -25.84
C GLY A 295 12.06 -8.84 -25.56
N LEU A 296 12.52 -8.95 -24.31
CA LEU A 296 13.81 -8.36 -23.91
C LEU A 296 14.95 -9.05 -24.67
N VAL A 297 14.92 -10.39 -24.71
CA VAL A 297 15.87 -11.17 -25.48
C VAL A 297 15.80 -10.75 -26.94
N GLU A 298 14.58 -10.70 -27.48
CA GLU A 298 14.37 -10.29 -28.84
C GLU A 298 15.08 -8.96 -29.16
N ILE A 299 14.85 -7.94 -28.34
CA ILE A 299 15.40 -6.62 -28.53
C ILE A 299 16.93 -6.65 -28.46
N ILE A 300 17.49 -7.27 -27.42
CA ILE A 300 18.94 -7.31 -27.28
C ILE A 300 19.55 -7.95 -28.55
N SER A 301 18.95 -9.05 -29.03
CA SER A 301 19.38 -9.69 -30.28
C SER A 301 19.37 -8.73 -31.46
N ARG A 302 18.29 -7.98 -31.60
CA ARG A 302 18.22 -7.05 -32.69
C ARG A 302 19.28 -5.98 -32.55
N ILE A 303 19.51 -5.52 -31.33
CA ILE A 303 20.54 -4.53 -31.05
C ILE A 303 21.92 -5.06 -31.48
N GLU A 304 22.27 -6.27 -31.01
CA GLU A 304 23.56 -6.89 -31.34
C GLU A 304 23.73 -7.11 -32.84
N GLU A 305 22.64 -7.44 -33.53
CA GLU A 305 22.68 -7.77 -34.96
C GLU A 305 22.94 -6.54 -35.81
N ALA A 306 22.69 -5.36 -35.23
CA ALA A 306 23.03 -4.10 -35.87
C ALA A 306 24.42 -3.60 -35.45
N ASN A 307 25.18 -4.42 -34.72
CA ASN A 307 26.52 -4.04 -34.21
C ASN A 307 26.57 -2.84 -33.32
N LEU A 308 25.48 -2.57 -32.61
CA LEU A 308 25.50 -1.64 -31.50
C LEU A 308 25.85 -2.44 -30.27
N GLN A 309 26.52 -1.83 -29.32
CA GLN A 309 26.76 -2.49 -28.04
C GLN A 309 25.92 -1.84 -26.94
N VAL A 310 25.33 -2.69 -26.10
CA VAL A 310 24.52 -2.22 -24.97
C VAL A 310 25.48 -1.66 -23.95
N SER A 311 25.25 -0.42 -23.55
CA SER A 311 26.12 0.18 -22.56
C SER A 311 25.43 0.38 -21.19
N ASP A 312 24.11 0.49 -21.17
CA ASP A 312 23.32 0.62 -19.92
C ASP A 312 21.91 0.18 -20.26
N VAL A 313 21.23 -0.46 -19.31
CA VAL A 313 19.81 -0.79 -19.46
C VAL A 313 19.10 -0.38 -18.19
N GLU A 314 18.05 0.45 -18.30
CA GLU A 314 17.22 0.82 -17.15
C GLU A 314 15.76 0.43 -17.34
N MET A 315 15.17 -0.15 -16.29
CA MET A 315 13.77 -0.55 -16.35
C MET A 315 12.97 0.45 -15.58
N LEU A 316 11.88 0.92 -16.18
CA LEU A 316 11.02 1.96 -15.59
C LEU A 316 9.55 1.54 -15.46
N ARG A 317 9.33 0.22 -15.37
CA ARG A 317 8.00 -0.37 -15.18
C ARG A 317 7.04 0.44 -14.31
N ARG A 318 7.40 0.70 -13.05
CA ARG A 318 6.49 1.36 -12.11
C ARG A 318 6.15 2.80 -12.53
N HIS A 319 7.06 3.46 -13.25
CA HIS A 319 6.81 4.79 -13.82
C HIS A 319 5.72 4.82 -14.88
N TYR A 320 5.68 3.80 -15.73
CA TYR A 320 4.56 3.69 -16.68
C TYR A 320 3.23 3.39 -15.97
N GLN A 321 3.28 2.52 -14.95
CA GLN A 321 2.11 2.23 -14.14
C GLN A 321 1.54 3.53 -13.59
N ARG A 322 2.37 4.37 -12.97
CA ARG A 322 1.88 5.63 -12.46
C ARG A 322 1.37 6.53 -13.58
N THR A 323 2.11 6.65 -14.66
CA THR A 323 1.67 7.45 -15.79
C THR A 323 0.26 7.08 -16.22
N LEU A 324 0.04 5.79 -16.41
CA LEU A 324 -1.29 5.32 -16.84
C LEU A 324 -2.36 5.50 -15.77
N GLU A 325 -1.99 5.47 -14.49
CA GLU A 325 -2.97 5.69 -13.43
C GLU A 325 -3.45 7.14 -13.44
N ILE A 326 -2.51 8.08 -13.62
CA ILE A 326 -2.84 9.49 -13.63
C ILE A 326 -3.66 9.80 -14.88
N TRP A 327 -3.23 9.31 -16.06
CA TRP A 327 -4.04 9.43 -17.26
C TRP A 327 -5.46 8.94 -17.04
N ASP A 328 -5.63 7.80 -16.37
CA ASP A 328 -6.97 7.30 -16.12
C ASP A 328 -7.78 8.19 -15.12
N LYS A 329 -7.10 8.68 -14.09
CA LYS A 329 -7.69 9.62 -13.14
C LYS A 329 -8.17 10.87 -13.89
N ASN A 330 -7.30 11.44 -14.74
CA ASN A 330 -7.64 12.58 -15.59
C ASN A 330 -8.78 12.26 -16.54
N PHE A 331 -8.72 11.10 -17.19
CA PHE A 331 -9.78 10.68 -18.10
C PHE A 331 -11.14 10.67 -17.42
N ASN A 332 -11.20 10.07 -16.23
CA ASN A 332 -12.47 9.93 -15.52
C ASN A 332 -13.05 11.25 -15.01
N ASN A 333 -12.18 12.09 -14.44
CA ASN A 333 -12.46 13.47 -14.11
C ASN A 333 -13.05 14.31 -15.30
N ALA A 334 -12.67 14.01 -16.54
CA ALA A 334 -13.29 14.69 -17.70
C ALA A 334 -14.30 13.83 -18.49
N ARG A 335 -14.74 12.71 -17.89
CA ARG A 335 -15.62 11.76 -18.59
C ARG A 335 -16.98 12.32 -19.03
N PRO A 336 -17.64 13.17 -18.20
CA PRO A 336 -18.90 13.81 -18.72
C PRO A 336 -18.73 14.48 -20.10
N GLU A 337 -17.77 15.41 -20.24
CA GLU A 337 -17.37 15.99 -21.53
C GLU A 337 -17.15 14.93 -22.64
N ILE A 338 -16.33 13.90 -22.34
CA ILE A 338 -15.94 12.89 -23.34
C ILE A 338 -17.13 12.01 -23.73
N GLU A 339 -18.00 11.71 -22.77
CA GLU A 339 -19.19 10.91 -23.04
C GLU A 339 -20.23 11.67 -23.87
N LYS A 340 -20.25 13.00 -23.77
CA LYS A 340 -21.04 13.84 -24.66
C LYS A 340 -20.64 13.63 -26.15
N ASN A 341 -19.35 13.82 -26.50
CA ASN A 341 -18.90 13.67 -27.92
C ASN A 341 -18.81 12.22 -28.38
N MET A 342 -18.17 11.38 -27.57
CA MET A 342 -17.96 9.95 -27.89
C MET A 342 -19.02 9.16 -27.16
N GLY A 343 -19.32 7.95 -27.56
CA GLY A 343 -20.34 7.23 -26.74
C GLY A 343 -19.98 6.81 -25.31
N GLU A 344 -20.96 6.27 -24.58
CA GLU A 344 -20.68 5.44 -23.40
C GLU A 344 -19.74 4.28 -23.77
N ARG A 345 -20.03 3.56 -24.85
CA ARG A 345 -19.17 2.45 -25.29
C ARG A 345 -17.72 2.89 -25.47
N PHE A 346 -17.49 4.02 -26.14
CA PHE A 346 -16.12 4.52 -26.27
C PHE A 346 -15.44 4.73 -24.92
N CYS A 347 -16.11 5.39 -23.98
CA CYS A 347 -15.56 5.69 -22.66
C CYS A 347 -15.21 4.44 -21.85
N ARG A 348 -16.06 3.40 -21.95
CA ARG A 348 -15.79 2.15 -21.29
C ARG A 348 -14.51 1.53 -21.84
N MET A 349 -14.40 1.50 -23.17
CA MET A 349 -13.23 0.99 -23.87
C MET A 349 -11.95 1.72 -23.47
N TRP A 350 -11.99 3.04 -23.48
CA TRP A 350 -10.83 3.83 -23.15
C TRP A 350 -10.38 3.60 -21.71
N ASP A 351 -11.34 3.64 -20.78
CA ASP A 351 -11.10 3.37 -19.35
C ASP A 351 -10.50 1.96 -19.14
N LEU A 352 -11.06 0.97 -19.83
CA LEU A 352 -10.53 -0.39 -19.82
C LEU A 352 -9.08 -0.43 -20.31
N TYR A 353 -8.83 0.25 -21.43
CA TYR A 353 -7.52 0.35 -22.00
C TYR A 353 -6.52 0.91 -20.98
N LEU A 354 -6.79 2.11 -20.45
CA LEU A 354 -5.87 2.75 -19.50
C LEU A 354 -5.65 1.92 -18.25
N GLN A 355 -6.71 1.32 -17.72
CA GLN A 355 -6.59 0.54 -16.49
C GLN A 355 -5.95 -0.83 -16.67
N ALA A 356 -6.29 -1.52 -17.77
CA ALA A 356 -5.62 -2.77 -18.07
C ALA A 356 -4.13 -2.58 -18.31
N CYS A 357 -3.75 -1.52 -19.01
CA CYS A 357 -2.33 -1.29 -19.29
C CYS A 357 -1.58 -0.99 -18.00
N ALA A 358 -2.19 -0.19 -17.13
CA ALA A 358 -1.60 0.08 -15.83
C ALA A 358 -1.37 -1.23 -15.06
N ALA A 359 -2.35 -2.13 -15.15
CA ALA A 359 -2.25 -3.41 -14.47
C ALA A 359 -1.14 -4.26 -15.11
N SER A 360 -1.03 -4.20 -16.44
CA SER A 360 -0.01 -4.94 -17.18
C SER A 360 1.42 -4.58 -16.73
N PHE A 361 1.66 -3.31 -16.45
CA PHE A 361 2.90 -2.87 -15.84
C PHE A 361 2.97 -3.28 -14.36
N GLU A 362 1.95 -2.97 -13.57
CA GLU A 362 1.89 -3.33 -12.12
C GLU A 362 2.31 -4.79 -11.88
N SER A 363 1.81 -5.71 -12.68
CA SER A 363 2.05 -7.13 -12.51
C SER A 363 3.33 -7.64 -13.13
N GLY A 364 4.05 -6.78 -13.84
CA GLY A 364 5.31 -7.17 -14.43
C GLY A 364 5.12 -8.04 -15.66
N ASN A 365 3.93 -7.95 -16.25
CA ASN A 365 3.63 -8.61 -17.51
C ASN A 365 4.23 -7.88 -18.72
N ILE A 366 4.56 -6.60 -18.51
CA ILE A 366 5.06 -5.67 -19.54
C ILE A 366 6.03 -4.72 -18.79
N ASP A 367 7.08 -4.24 -19.47
CA ASP A 367 8.07 -3.36 -18.85
C ASP A 367 8.34 -2.16 -19.78
N VAL A 368 9.07 -1.14 -19.32
CA VAL A 368 9.54 -0.06 -20.21
C VAL A 368 11.01 0.10 -19.95
N VAL A 369 11.77 0.21 -21.03
CA VAL A 369 13.20 0.03 -20.90
C VAL A 369 13.94 1.13 -21.67
N GLN A 370 14.96 1.71 -21.02
CA GLN A 370 15.81 2.63 -21.72
C GLN A 370 17.16 1.95 -22.01
N TYR A 371 17.46 1.76 -23.31
CA TYR A 371 18.71 1.15 -23.75
C TYR A 371 19.69 2.24 -24.19
N LEU A 372 20.82 2.30 -23.51
CA LEU A 372 21.88 3.24 -23.87
C LEU A 372 22.81 2.43 -24.73
N LEU A 373 22.86 2.77 -26.01
CA LEU A 373 23.63 2.03 -27.02
C LEU A 373 24.80 2.85 -27.58
N THR A 374 25.91 2.17 -27.90
CA THR A 374 27.02 2.82 -28.57
C THR A 374 27.42 2.08 -29.83
N LYS A 375 27.74 2.85 -30.87
CA LYS A 375 28.22 2.29 -32.14
C LYS A 375 29.73 2.10 -32.05
N GLY A 376 30.12 0.97 -31.47
CA GLY A 376 31.49 0.67 -31.08
C GLY A 376 31.48 0.09 -29.66
N PRO A 377 32.67 -0.09 -29.06
CA PRO A 377 32.78 -0.72 -27.73
C PRO A 377 31.95 -0.01 -26.66
N SER A 378 31.26 -0.80 -25.82
CA SER A 378 30.31 -0.24 -24.87
C SER A 378 30.90 0.91 -24.05
N GLY A 379 30.21 2.04 -24.09
CA GLY A 379 30.49 3.20 -23.26
C GLY A 379 31.73 4.00 -23.63
N LYS A 380 32.27 3.77 -24.83
CA LYS A 380 33.58 4.32 -25.18
C LYS A 380 33.64 5.84 -25.05
N SER A 381 32.66 6.55 -25.55
CA SER A 381 32.80 8.01 -25.50
C SER A 381 32.17 8.62 -24.24
N LEU A 382 31.93 7.79 -23.22
CA LEU A 382 31.11 8.17 -22.07
C LEU A 382 31.90 8.10 -20.77
N PRO A 383 31.40 8.75 -19.70
CA PRO A 383 32.16 8.59 -18.45
C PRO A 383 32.21 7.14 -17.93
N MET A 384 33.25 6.83 -17.18
CA MET A 384 33.48 5.49 -16.64
C MET A 384 32.42 5.01 -15.63
N THR A 385 31.72 5.93 -14.97
CA THR A 385 30.71 5.61 -13.96
C THR A 385 29.41 6.35 -14.28
N ARG A 386 28.30 5.89 -13.73
CA ARG A 386 26.99 6.43 -14.07
C ARG A 386 26.59 7.61 -13.21
N LYS A 387 27.48 8.03 -12.29
CA LYS A 387 27.19 9.18 -11.43
C LYS A 387 26.68 10.38 -12.24
N TYR A 388 27.22 10.59 -13.45
CA TYR A 388 26.77 11.69 -14.31
C TYR A 388 25.29 11.65 -14.67
N MET A 389 24.65 10.50 -14.53
CA MET A 389 23.30 10.31 -15.05
C MET A 389 22.21 10.97 -14.24
N LEU A 390 22.39 10.98 -12.93
CA LEU A 390 21.31 11.27 -12.00
C LEU A 390 21.34 12.76 -11.58
N ASN A 391 20.18 13.38 -11.35
CA ASN A 391 20.13 14.84 -11.07
C ASN A 391 20.16 15.23 -9.58
N LYS B 4 -4.13 -34.61 6.96
CA LYS B 4 -4.01 -33.85 5.71
C LYS B 4 -5.33 -33.18 5.31
N THR B 5 -6.44 -33.91 5.46
CA THR B 5 -7.77 -33.38 5.14
C THR B 5 -8.15 -32.22 6.03
N PHE B 6 -7.84 -32.38 7.33
CA PHE B 6 -8.14 -31.40 8.34
C PHE B 6 -7.28 -30.16 8.14
N TYR B 7 -5.99 -30.35 7.85
CA TYR B 7 -5.09 -29.26 7.59
C TYR B 7 -5.44 -28.48 6.32
N LYS B 8 -5.82 -29.18 5.26
CA LYS B 8 -6.22 -28.55 4.00
C LYS B 8 -7.51 -27.74 4.24
N MET B 9 -8.45 -28.32 4.98
CA MET B 9 -9.70 -27.62 5.29
C MET B 9 -9.38 -26.31 6.01
N MET B 10 -8.49 -26.37 6.99
CA MET B 10 -8.14 -25.22 7.78
C MET B 10 -7.35 -24.17 6.97
N LEU B 11 -6.27 -24.59 6.31
CA LEU B 11 -5.36 -23.68 5.67
C LEU B 11 -5.89 -23.14 4.36
N SER B 12 -6.65 -23.95 3.65
CA SER B 12 -7.17 -23.48 2.37
C SER B 12 -8.33 -22.51 2.49
N LYS B 13 -8.88 -22.38 3.69
CA LYS B 13 -10.02 -21.47 3.93
C LYS B 13 -9.56 -20.27 4.80
N SER B 14 -8.27 -20.23 5.14
CA SER B 14 -7.74 -19.26 6.08
C SER B 14 -7.27 -17.90 5.55
N PHE B 15 -6.90 -17.82 4.28
CA PHE B 15 -6.19 -16.62 3.80
C PHE B 15 -6.81 -16.03 2.55
N PRO B 16 -6.89 -14.69 2.46
CA PRO B 16 -7.47 -14.12 1.24
C PRO B 16 -6.43 -13.95 0.13
N PHE B 17 -5.26 -14.53 0.29
CA PHE B 17 -4.17 -14.41 -0.66
C PHE B 17 -3.49 -15.78 -0.77
N PRO B 18 -2.71 -16.03 -1.83
CA PRO B 18 -2.12 -17.37 -1.91
C PRO B 18 -1.03 -17.53 -0.85
N VAL B 19 -0.89 -18.75 -0.35
CA VAL B 19 0.02 -19.06 0.72
C VAL B 19 0.61 -20.45 0.36
N GLU B 20 1.90 -20.65 0.65
CA GLU B 20 2.48 -21.97 0.45
C GLU B 20 2.66 -22.71 1.78
N VAL B 21 2.22 -23.96 1.80
CA VAL B 21 2.36 -24.83 2.97
C VAL B 21 3.25 -26.03 2.66
N THR B 22 4.32 -26.20 3.43
CA THR B 22 5.16 -27.41 3.41
C THR B 22 4.84 -28.19 4.66
N TYR B 23 4.46 -29.44 4.51
CA TYR B 23 4.07 -30.27 5.67
C TYR B 23 5.26 -31.04 6.31
N TRP B 24 4.98 -31.76 7.40
CA TRP B 24 6.02 -32.49 8.18
C TRP B 24 6.60 -33.68 7.39
N ASP B 25 5.86 -34.19 6.42
CA ASP B 25 6.41 -35.22 5.54
C ASP B 25 7.18 -34.63 4.35
N GLY B 26 7.46 -33.33 4.36
CA GLY B 26 8.20 -32.69 3.26
C GLY B 26 7.40 -32.27 2.02
N LYS B 27 6.12 -32.69 1.92
CA LYS B 27 5.24 -32.33 0.79
C LYS B 27 4.72 -30.89 0.84
N SER B 28 4.48 -30.29 -0.33
CA SER B 28 4.08 -28.89 -0.48
C SER B 28 2.86 -28.70 -1.34
N GLU B 29 2.14 -27.62 -1.08
CA GLU B 29 0.96 -27.24 -1.83
C GLU B 29 0.89 -25.73 -1.75
N VAL B 30 0.24 -25.13 -2.74
CA VAL B 30 -0.13 -23.72 -2.67
C VAL B 30 -1.63 -23.66 -2.57
N TYR B 31 -2.15 -22.89 -1.61
CA TYR B 31 -3.60 -22.64 -1.55
C TYR B 31 -3.85 -21.24 -2.06
N GLY B 32 -4.66 -21.13 -3.11
CA GLY B 32 -4.93 -19.87 -3.77
C GLY B 32 -4.26 -19.76 -5.12
N ASN B 33 -4.63 -18.72 -5.87
CA ASN B 33 -4.01 -18.36 -7.13
C ASN B 33 -2.91 -17.32 -6.94
N GLY B 34 -1.93 -17.27 -7.87
CA GLY B 34 -0.89 -16.26 -7.75
C GLY B 34 0.33 -16.79 -7.07
N THR B 35 1.31 -15.95 -6.92
CA THR B 35 2.53 -16.45 -6.29
C THR B 35 2.56 -16.10 -4.78
N PRO B 36 2.69 -17.12 -3.90
CA PRO B 36 2.65 -16.96 -2.43
C PRO B 36 3.66 -15.94 -1.89
N GLU B 37 3.22 -15.00 -1.06
CA GLU B 37 4.17 -14.13 -0.39
C GLU B 37 4.59 -14.66 0.98
N ILE B 38 3.91 -15.68 1.44
CA ILE B 38 4.09 -16.21 2.77
C ILE B 38 4.19 -17.71 2.60
N HIS B 39 5.19 -18.29 3.27
CA HIS B 39 5.43 -19.72 3.20
C HIS B 39 5.44 -20.31 4.61
N ILE B 40 4.52 -21.23 4.88
CA ILE B 40 4.35 -21.82 6.21
C ILE B 40 4.88 -23.25 6.12
N THR B 41 5.80 -23.57 7.02
CA THR B 41 6.39 -24.90 7.09
C THR B 41 6.10 -25.53 8.46
N PHE B 42 5.42 -26.66 8.45
CA PHE B 42 5.33 -27.49 9.62
C PHE B 42 6.52 -28.46 9.67
N ASN B 43 7.53 -28.15 10.50
CA ASN B 43 8.63 -29.10 10.77
C ASN B 43 8.13 -30.34 11.52
N GLU B 44 6.91 -30.30 12.07
CA GLU B 44 6.34 -31.37 12.88
C GLU B 44 4.84 -31.32 12.81
N LYS B 45 4.20 -32.46 12.99
CA LYS B 45 2.74 -32.52 13.00
C LYS B 45 2.20 -31.98 14.35
N ILE B 46 1.24 -31.07 14.29
CA ILE B 46 0.61 -30.56 15.50
C ILE B 46 -0.68 -31.35 15.55
N PRO B 47 -0.96 -32.00 16.68
CA PRO B 47 -2.19 -32.84 16.78
C PRO B 47 -3.46 -32.04 16.46
N MET B 48 -4.37 -32.63 15.66
CA MET B 48 -5.62 -31.94 15.28
C MET B 48 -6.38 -31.49 16.51
N SER B 49 -6.51 -32.39 17.48
CA SER B 49 -7.29 -32.13 18.69
C SER B 49 -6.79 -30.89 19.43
N ASP B 50 -5.47 -30.63 19.40
CA ASP B 50 -4.89 -29.41 19.98
C ASP B 50 -5.32 -28.14 19.22
N ILE B 51 -5.36 -28.24 17.90
CA ILE B 51 -5.70 -27.13 17.02
C ILE B 51 -7.21 -26.88 17.16
N THR B 52 -7.96 -27.96 17.24
CA THR B 52 -9.39 -27.94 17.37
C THR B 52 -9.90 -27.26 18.65
N LYS B 53 -9.16 -27.39 19.74
CA LYS B 53 -9.63 -26.77 20.97
C LYS B 53 -9.19 -25.32 21.14
N ASN B 54 -7.96 -25.02 20.77
CA ASN B 54 -7.56 -23.65 20.54
C ASN B 54 -6.40 -23.53 19.55
N ALA B 55 -6.73 -23.11 18.33
CA ALA B 55 -5.71 -22.92 17.29
C ALA B 55 -4.67 -21.86 17.67
N SER B 56 -5.08 -20.78 18.35
CA SER B 56 -4.16 -19.73 18.77
C SER B 56 -3.09 -20.31 19.68
N LEU B 57 -3.54 -21.10 20.64
CA LEU B 57 -2.67 -21.65 21.64
C LEU B 57 -1.76 -22.69 20.97
N ALA B 58 -2.38 -23.67 20.31
CA ALA B 58 -1.68 -24.73 19.58
C ALA B 58 -0.66 -24.21 18.57
N LEU B 59 -1.12 -23.42 17.59
CA LEU B 59 -0.26 -22.94 16.53
C LEU B 59 0.75 -21.95 17.08
N GLY B 60 0.30 -21.14 18.05
CA GLY B 60 1.15 -20.15 18.68
C GLY B 60 2.32 -20.76 19.44
N GLU B 61 2.08 -21.81 20.27
CA GLU B 61 3.21 -22.48 20.95
C GLU B 61 4.07 -23.19 19.94
N ALA B 62 3.43 -23.88 18.99
CA ALA B 62 4.15 -24.56 17.91
C ALA B 62 5.14 -23.59 17.26
N TYR B 63 4.66 -22.40 16.91
CA TYR B 63 5.51 -21.41 16.28
C TYR B 63 6.69 -21.00 17.18
N MET B 64 6.39 -20.81 18.47
CA MET B 64 7.40 -20.44 19.48
C MET B 64 8.49 -21.52 19.61
N ASP B 65 8.05 -22.77 19.49
CA ASP B 65 8.87 -23.94 19.68
C ASP B 65 9.69 -24.29 18.43
N LYS B 66 9.59 -23.44 17.41
CA LYS B 66 10.19 -23.66 16.10
C LYS B 66 9.66 -24.94 15.39
N LYS B 67 8.48 -25.43 15.79
CA LYS B 67 7.85 -26.56 15.12
C LYS B 67 7.05 -26.14 13.88
N ILE B 68 6.68 -24.87 13.83
CA ILE B 68 6.20 -24.20 12.65
C ILE B 68 7.18 -23.07 12.37
N GLU B 69 7.59 -22.95 11.11
CA GLU B 69 8.36 -21.79 10.68
C GLU B 69 7.63 -21.04 9.58
N ILE B 70 7.95 -19.76 9.46
CA ILE B 70 7.21 -18.89 8.56
C ILE B 70 8.22 -18.07 7.79
N GLN B 71 8.11 -18.03 6.46
CA GLN B 71 8.83 -17.04 5.66
C GLN B 71 7.82 -16.07 5.15
N GLY B 72 8.09 -14.80 5.40
CA GLY B 72 7.15 -13.71 5.08
C GLY B 72 6.53 -13.13 6.35
N SER B 73 5.75 -12.07 6.19
CA SER B 73 5.22 -11.31 7.30
C SER B 73 4.22 -12.10 8.20
N ILE B 74 4.58 -12.31 9.47
CA ILE B 74 3.67 -12.88 10.46
C ILE B 74 2.42 -12.00 10.52
N GLN B 75 2.63 -10.68 10.59
CA GLN B 75 1.54 -9.69 10.59
C GLN B 75 0.58 -9.90 9.42
N GLU B 76 1.11 -10.02 8.22
CA GLU B 76 0.27 -10.24 7.05
C GLU B 76 -0.44 -11.60 7.14
N LEU B 77 0.28 -12.62 7.59
CA LEU B 77 -0.33 -13.92 7.79
C LEU B 77 -1.58 -13.79 8.68
N ILE B 78 -1.41 -13.17 9.85
CA ILE B 78 -2.49 -13.07 10.83
C ILE B 78 -3.62 -12.15 10.29
N ASN B 79 -3.24 -11.00 9.75
CA ASN B 79 -4.20 -10.08 9.14
C ASN B 79 -5.09 -10.84 8.16
N GLY B 80 -4.47 -11.70 7.35
CA GLY B 80 -5.17 -12.60 6.44
C GLY B 80 -6.18 -13.49 7.13
N ALA B 81 -5.74 -14.19 8.16
CA ALA B 81 -6.63 -15.07 8.93
C ALA B 81 -7.83 -14.34 9.53
N TYR B 82 -7.62 -13.12 10.02
CA TYR B 82 -8.74 -12.34 10.55
C TYR B 82 -9.74 -11.83 9.50
N GLN B 83 -9.32 -11.79 8.24
CA GLN B 83 -10.24 -11.43 7.17
C GLN B 83 -11.11 -12.60 6.72
N SER B 84 -10.82 -13.83 7.14
CA SER B 84 -11.61 -15.01 6.69
C SER B 84 -12.40 -15.67 7.79
N ALA B 85 -13.71 -15.68 7.60
CA ALA B 85 -14.64 -16.27 8.56
C ALA B 85 -14.29 -17.72 8.92
N ASP B 86 -13.71 -18.47 7.97
CA ASP B 86 -13.42 -19.91 8.18
C ASP B 86 -11.99 -20.24 8.63
N SER B 87 -11.22 -19.23 9.07
CA SER B 87 -9.81 -19.39 9.36
C SER B 87 -9.57 -19.94 10.76
N PHE B 88 -8.34 -20.37 11.04
CA PHE B 88 -7.97 -20.81 12.38
C PHE B 88 -8.12 -19.75 13.47
N MET B 89 -8.12 -18.48 13.08
CA MET B 89 -8.33 -17.36 14.01
C MET B 89 -9.81 -17.02 14.21
N ARG B 90 -10.65 -17.41 13.25
CA ARG B 90 -12.06 -16.97 13.24
C ARG B 90 -13.10 -18.03 13.38
N SER B 91 -12.94 -19.17 12.70
CA SER B 91 -13.94 -20.26 12.78
C SER B 91 -13.99 -20.88 14.17
N SER B 92 -15.20 -21.20 14.60
CA SER B 92 -15.42 -21.80 15.94
C SER B 92 -14.95 -23.28 15.98
N LYS B 93 -14.84 -23.92 14.81
CA LYS B 93 -14.17 -25.22 14.68
C LYS B 93 -12.78 -25.28 15.36
N PHE B 94 -12.20 -24.12 15.68
CA PHE B 94 -10.84 -24.03 16.23
C PHE B 94 -10.79 -23.27 17.53
N ARG B 95 -11.94 -23.10 18.17
CA ARG B 95 -12.02 -22.50 19.50
C ARG B 95 -13.00 -23.28 20.39
N LYS B 96 -12.87 -24.61 20.47
CA LYS B 96 -13.73 -25.39 21.37
C LYS B 96 -13.48 -25.16 22.87
N PHE B 97 -12.26 -24.76 23.22
CA PHE B 97 -11.82 -24.49 24.61
C PHE B 97 -11.36 -23.01 24.74
N LEU B 98 -11.97 -22.23 25.64
CA LEU B 98 -11.57 -20.81 25.84
C LEU B 98 -10.87 -20.47 27.16
N SER B 114 6.74 -21.11 32.53
CA SER B 114 7.75 -20.08 32.69
C SER B 114 7.18 -18.73 32.33
N HIS B 115 7.25 -17.78 33.26
CA HIS B 115 6.74 -16.46 32.95
C HIS B 115 7.88 -15.49 32.63
N TYR B 116 8.94 -16.03 32.09
CA TYR B 116 10.09 -15.30 31.61
C TYR B 116 10.44 -14.03 32.40
N ASP B 117 10.87 -13.81 33.43
CA ASP B 117 11.11 -12.53 34.07
C ASP B 117 11.70 -11.60 33.04
N ILE B 118 11.02 -10.49 32.99
CA ILE B 118 11.27 -9.31 32.16
C ILE B 118 10.88 -8.01 32.85
N GLY B 119 11.78 -7.15 33.10
CA GLY B 119 11.53 -5.79 33.58
C GLY B 119 12.06 -4.67 32.70
N ASN B 120 12.28 -3.51 33.31
CA ASN B 120 12.67 -2.28 32.60
C ASN B 120 13.84 -2.30 31.61
N ASP B 121 14.80 -3.19 31.83
CA ASP B 121 15.93 -3.43 30.90
C ASP B 121 15.38 -3.76 29.48
N PHE B 122 14.44 -4.70 29.48
CA PHE B 122 13.76 -5.20 28.30
C PHE B 122 12.95 -4.09 27.60
N TYR B 123 11.97 -3.54 28.30
CA TYR B 123 11.14 -2.49 27.74
C TYR B 123 11.94 -1.35 27.18
N LYS B 124 12.99 -0.95 27.91
CA LYS B 124 13.82 0.19 27.53
C LYS B 124 14.27 0.16 26.06
N LEU B 125 14.48 -1.05 25.53
CA LEU B 125 15.15 -1.26 24.23
C LEU B 125 14.26 -1.02 23.04
N TRP B 126 12.97 -1.29 23.20
CA TRP B 126 12.02 -1.15 22.10
C TRP B 126 10.91 -0.11 22.22
N LEU B 127 10.61 0.33 23.45
CA LEU B 127 9.71 1.47 23.65
C LEU B 127 10.46 2.75 23.40
N ASP B 128 9.77 3.87 23.25
CA ASP B 128 10.43 5.17 23.02
C ASP B 128 11.14 5.65 24.33
N PRO B 129 11.95 6.75 24.29
CA PRO B 129 12.57 7.23 25.56
C PRO B 129 11.59 7.38 26.76
N THR B 130 10.35 7.80 26.47
CA THR B 130 9.24 7.96 27.40
C THR B 130 8.78 6.71 28.15
N MET B 131 9.02 5.52 27.61
CA MET B 131 8.58 4.26 28.22
C MET B 131 7.04 4.06 28.21
N THR B 132 6.34 4.75 27.29
CA THR B 132 4.92 4.57 27.11
C THR B 132 4.58 3.22 26.49
N TYR B 133 3.94 2.37 27.28
CA TYR B 133 3.46 1.08 26.81
C TYR B 133 1.97 1.22 26.57
N SER B 134 1.63 1.96 25.51
CA SER B 134 0.25 2.32 25.22
C SER B 134 0.14 2.88 23.79
N CYS B 135 -1.07 2.97 23.25
CA CYS B 135 -1.24 3.47 21.87
C CYS B 135 -0.72 4.90 21.67
N ALA B 136 -0.02 5.13 20.55
CA ALA B 136 0.48 6.49 20.18
C ALA B 136 -0.46 7.21 19.22
N TYR B 137 -0.19 8.47 18.92
CA TYR B 137 -1.07 9.25 18.05
C TYR B 137 -0.23 9.93 16.95
N PHE B 138 -0.46 9.50 15.70
CA PHE B 138 0.33 9.96 14.55
C PHE B 138 -0.42 11.02 13.76
N THR B 139 0.08 12.24 13.84
CA THR B 139 -0.40 13.32 12.97
C THR B 139 0.15 13.14 11.54
N ASP B 140 -0.67 13.45 10.53
CA ASP B 140 -0.31 13.20 9.09
C ASP B 140 1.10 13.64 8.64
N ASP B 141 1.68 14.61 9.35
CA ASP B 141 3.07 15.04 9.19
C ASP B 141 4.14 14.10 9.84
N ASN B 142 3.72 13.15 10.68
CA ASN B 142 4.61 12.23 11.43
C ASN B 142 4.31 10.79 11.05
N LYS B 143 5.26 10.14 10.39
CA LYS B 143 5.01 8.80 9.87
C LYS B 143 5.61 7.70 10.74
N ASP B 144 6.65 7.99 11.52
CA ASP B 144 7.27 6.97 12.37
C ASP B 144 7.92 7.42 13.69
N ASP B 145 8.10 8.72 13.87
CA ASP B 145 8.62 9.24 15.13
C ASP B 145 7.77 8.87 16.36
N LEU B 146 8.20 7.79 17.01
CA LEU B 146 7.45 7.18 18.08
C LEU B 146 7.36 8.09 19.33
N GLU B 147 8.49 8.67 19.76
CA GLU B 147 8.49 9.61 20.87
C GLU B 147 7.52 10.75 20.55
N GLN B 148 7.63 11.36 19.37
CA GLN B 148 6.78 12.48 19.01
C GLN B 148 5.30 12.09 19.05
N ALA B 149 5.02 10.81 18.76
CA ALA B 149 3.65 10.34 18.68
C ALA B 149 3.05 10.04 20.08
N GLN B 150 3.89 9.54 20.98
CA GLN B 150 3.48 9.35 22.38
C GLN B 150 3.25 10.67 23.13
N ILE B 151 4.00 11.72 22.75
CA ILE B 151 3.76 13.05 23.26
C ILE B 151 2.47 13.60 22.67
N ALA B 152 2.28 13.43 21.36
CA ALA B 152 1.08 13.92 20.70
C ALA B 152 -0.19 13.27 21.24
N LYS B 153 -0.11 12.00 21.64
CA LYS B 153 -1.23 11.28 22.25
C LYS B 153 -1.70 11.96 23.56
N VAL B 154 -0.74 12.32 24.39
CA VAL B 154 -0.98 13.01 25.66
C VAL B 154 -1.70 14.35 25.40
N HIS B 155 -1.23 15.12 24.43
CA HIS B 155 -1.90 16.39 24.10
C HIS B 155 -3.29 16.14 23.53
N HIS B 156 -3.42 15.09 22.72
CA HIS B 156 -4.70 14.73 22.10
C HIS B 156 -5.73 14.41 23.19
N ILE B 157 -5.34 13.62 24.20
CA ILE B 157 -6.19 13.34 25.35
C ILE B 157 -6.52 14.61 26.14
N LEU B 158 -5.50 15.35 26.56
CA LEU B 158 -5.73 16.54 27.40
C LEU B 158 -6.54 17.63 26.72
N ASN B 159 -6.31 17.84 25.43
CA ASN B 159 -7.09 18.87 24.68
C ASN B 159 -8.58 18.58 24.70
N LYS B 160 -8.94 17.29 24.68
CA LYS B 160 -10.34 16.87 24.62
C LYS B 160 -11.12 17.32 25.83
N LEU B 161 -10.41 17.55 26.95
CA LEU B 161 -10.98 18.01 28.20
C LEU B 161 -11.35 19.48 28.20
N HIS B 162 -10.81 20.24 27.24
CA HIS B 162 -10.87 21.74 27.22
C HIS B 162 -10.48 22.21 28.62
N PRO B 163 -9.26 21.86 29.07
CA PRO B 163 -9.01 22.00 30.51
C PRO B 163 -8.84 23.46 30.93
N GLU B 164 -9.48 23.80 32.03
CA GLU B 164 -9.50 25.14 32.61
C GLU B 164 -8.38 25.30 33.63
N LYS B 165 -7.55 26.33 33.43
CA LYS B 165 -6.43 26.62 34.33
C LYS B 165 -6.85 26.56 35.81
N GLY B 166 -6.13 25.76 36.60
CA GLY B 166 -6.37 25.68 38.03
C GLY B 166 -7.37 24.63 38.50
N LYS B 167 -8.06 23.98 37.55
CA LYS B 167 -8.91 22.84 37.89
C LYS B 167 -8.09 21.56 38.17
N THR B 168 -8.68 20.61 38.89
CA THR B 168 -8.00 19.38 39.28
C THR B 168 -8.25 18.15 38.35
N LEU B 169 -7.24 17.28 38.22
CA LEU B 169 -7.27 16.11 37.31
C LEU B 169 -6.80 14.87 38.04
N LEU B 170 -7.56 13.80 37.90
CA LEU B 170 -7.11 12.51 38.37
C LEU B 170 -6.73 11.65 37.16
N ASP B 171 -5.47 11.20 37.12
CA ASP B 171 -5.07 10.21 36.11
C ASP B 171 -5.01 8.80 36.71
N ILE B 172 -5.93 7.93 36.28
CA ILE B 172 -6.03 6.58 36.82
C ILE B 172 -5.05 5.67 36.07
N GLY B 173 -4.01 5.18 36.77
CA GLY B 173 -2.92 4.42 36.15
C GLY B 173 -2.00 5.38 35.41
N CYS B 174 -1.19 6.11 36.16
CA CYS B 174 -0.48 7.25 35.64
C CYS B 174 0.84 6.91 34.96
N GLY B 175 1.20 5.61 34.94
CA GLY B 175 2.40 5.17 34.23
C GLY B 175 3.65 5.85 34.75
N TRP B 176 4.49 6.36 33.84
CA TRP B 176 5.73 7.07 34.20
C TRP B 176 5.51 8.58 34.34
N GLY B 177 4.24 8.98 34.36
CA GLY B 177 3.87 10.34 34.66
C GLY B 177 3.81 11.29 33.50
N THR B 178 4.02 10.80 32.28
CA THR B 178 3.96 11.67 31.08
C THR B 178 2.66 12.49 30.94
N LEU B 179 1.50 11.86 31.14
CA LEU B 179 0.21 12.59 31.04
C LEU B 179 0.07 13.59 32.19
N MET B 180 0.08 13.08 33.43
CA MET B 180 0.18 13.86 34.66
C MET B 180 1.03 15.13 34.56
N LEU B 181 2.32 14.92 34.31
CA LEU B 181 3.28 16.01 34.30
C LEU B 181 3.02 17.00 33.19
N THR B 182 2.50 16.53 32.05
CA THR B 182 2.16 17.45 30.95
C THR B 182 0.96 18.32 31.30
N ALA B 183 0.00 17.72 32.01
CA ALA B 183 -1.17 18.46 32.49
C ALA B 183 -0.75 19.57 33.46
N ALA B 184 0.19 19.26 34.36
CA ALA B 184 0.68 20.20 35.35
C ALA B 184 1.56 21.31 34.74
N LYS B 185 2.57 20.92 33.95
CA LYS B 185 3.52 21.88 33.36
C LYS B 185 2.96 22.70 32.21
N GLU B 186 2.03 22.17 31.43
CA GLU B 186 1.59 22.86 30.20
C GLU B 186 0.13 23.27 30.15
N TYR B 187 -0.70 22.73 31.06
CA TYR B 187 -2.13 23.05 31.10
C TYR B 187 -2.56 23.74 32.41
N GLY B 188 -1.59 23.96 33.30
CA GLY B 188 -1.83 24.54 34.62
C GLY B 188 -2.91 23.83 35.41
N LEU B 189 -2.75 22.53 35.58
CA LEU B 189 -3.75 21.70 36.23
C LEU B 189 -3.19 21.16 37.52
N LYS B 190 -4.01 21.13 38.57
CA LYS B 190 -3.59 20.52 39.84
C LYS B 190 -3.87 19.05 39.66
N VAL B 191 -2.83 18.24 39.72
CA VAL B 191 -2.87 16.91 39.18
C VAL B 191 -2.65 15.83 40.27
N THR B 192 -3.42 14.74 40.21
CA THR B 192 -3.18 13.54 41.00
C THR B 192 -3.01 12.30 40.10
N GLY B 193 -1.87 11.64 40.21
CA GLY B 193 -1.66 10.37 39.54
C GLY B 193 -1.67 9.20 40.50
N VAL B 194 -2.13 8.05 40.03
CA VAL B 194 -2.30 6.87 40.86
C VAL B 194 -1.73 5.64 40.13
N THR B 195 -0.90 4.85 40.81
CA THR B 195 -0.34 3.58 40.29
C THR B 195 -0.31 2.56 41.39
N LEU B 196 -0.32 1.28 40.99
CA LEU B 196 0.04 0.21 41.90
C LEU B 196 1.50 -0.25 41.74
N SER B 197 2.28 0.49 40.93
CA SER B 197 3.66 0.11 40.66
C SER B 197 4.67 0.98 41.40
N GLU B 198 5.45 0.33 42.30
CA GLU B 198 6.45 1.02 43.13
C GLU B 198 7.49 1.67 42.26
N GLU B 199 7.96 0.90 41.29
CA GLU B 199 8.95 1.33 40.30
C GLU B 199 8.49 2.65 39.67
N GLN B 200 7.23 2.69 39.24
CA GLN B 200 6.61 3.90 38.68
C GLN B 200 6.38 5.03 39.68
N TYR B 201 5.87 4.68 40.87
CA TYR B 201 5.71 5.63 41.96
C TYR B 201 7.02 6.39 42.25
N LYS B 202 8.15 5.67 42.38
CA LYS B 202 9.50 6.27 42.63
C LYS B 202 9.95 7.36 41.67
N LEU B 203 9.35 7.46 40.48
CA LEU B 203 9.24 8.77 39.78
C LEU B 203 8.18 9.79 40.36
N VAL B 204 8.08 9.86 41.72
CA VAL B 204 7.79 11.07 42.57
C VAL B 204 9.05 11.93 42.59
N GLN B 205 10.21 11.30 42.35
CA GLN B 205 11.48 11.98 42.19
C GLN B 205 11.41 13.07 41.14
N LYS B 206 10.58 12.93 40.10
CA LYS B 206 10.39 14.03 39.16
C LYS B 206 9.65 15.22 39.77
N LYS B 207 8.69 14.99 40.67
CA LYS B 207 8.02 16.12 41.33
C LYS B 207 9.01 16.92 42.19
N ILE B 208 9.73 16.22 43.06
CA ILE B 208 10.75 16.83 43.91
C ILE B 208 11.85 17.51 43.06
N TYR B 209 12.47 16.77 42.16
CA TYR B 209 13.56 17.34 41.31
C TYR B 209 13.06 18.31 40.25
N ASP B 210 12.19 17.81 39.34
CA ASP B 210 11.89 18.40 37.98
C ASP B 210 11.63 19.88 38.06
N GLU B 211 10.78 20.27 39.00
CA GLU B 211 10.63 21.62 39.41
C GLU B 211 10.31 21.38 40.87
N GLY B 212 9.73 22.38 41.53
CA GLY B 212 9.01 22.16 42.76
C GLY B 212 7.64 21.97 42.20
N LEU B 213 7.31 20.75 41.79
CA LEU B 213 5.99 20.51 41.22
C LEU B 213 4.96 20.12 42.29
N GLU B 214 5.34 20.19 43.58
CA GLU B 214 4.48 19.62 44.65
C GLU B 214 3.20 20.38 44.89
N ASP B 215 3.17 21.66 44.55
CA ASP B 215 1.94 22.47 44.62
C ASP B 215 0.99 22.18 43.46
N VAL B 216 1.49 21.53 42.40
CA VAL B 216 0.67 21.23 41.21
C VAL B 216 0.56 19.73 40.85
N ALA B 217 1.24 18.84 41.59
CA ALA B 217 1.23 17.42 41.25
C ALA B 217 1.54 16.51 42.43
N GLU B 218 0.72 15.47 42.62
CA GLU B 218 1.04 14.38 43.52
C GLU B 218 0.91 13.07 42.76
N VAL B 219 1.64 12.05 43.19
CA VAL B 219 1.46 10.72 42.71
C VAL B 219 1.21 9.84 43.94
N LYS B 220 0.39 8.79 43.82
CA LYS B 220 0.10 7.96 44.98
C LYS B 220 0.25 6.51 44.63
N LEU B 221 0.89 5.77 45.52
CA LEU B 221 0.97 4.34 45.37
C LEU B 221 -0.27 3.75 45.99
N GLU B 222 -1.35 3.69 45.21
CA GLU B 222 -2.63 3.09 45.65
C GLU B 222 -3.50 2.52 44.55
N ASP B 223 -4.42 1.68 44.99
CA ASP B 223 -5.45 1.12 44.12
C ASP B 223 -6.52 2.19 43.91
N TYR B 224 -6.76 2.57 42.65
CA TYR B 224 -7.81 3.54 42.27
C TYR B 224 -9.19 3.10 42.77
N ARG B 225 -9.40 1.79 42.99
CA ARG B 225 -10.70 1.26 43.41
C ARG B 225 -11.29 1.81 44.71
N GLU B 226 -10.46 2.37 45.60
CA GLU B 226 -10.91 3.04 46.82
C GLU B 226 -10.06 4.27 47.16
N LEU B 227 -10.43 5.41 46.59
CA LEU B 227 -9.75 6.67 46.85
C LEU B 227 -10.60 7.52 47.78
N GLY B 228 -11.56 6.87 48.47
CA GLY B 228 -12.43 7.51 49.46
C GLY B 228 -13.43 8.47 48.85
N ASP B 229 -13.48 9.69 49.39
CA ASP B 229 -14.50 10.68 49.07
C ASP B 229 -14.07 11.76 48.09
N GLN B 230 -12.83 11.71 47.63
CA GLN B 230 -12.32 12.81 46.80
C GLN B 230 -12.96 12.84 45.40
N GLN B 231 -12.98 14.04 44.81
CA GLN B 231 -13.56 14.24 43.51
C GLN B 231 -12.77 15.25 42.72
N TRP B 232 -12.63 14.99 41.42
CA TRP B 232 -11.85 15.86 40.58
C TRP B 232 -12.69 16.44 39.48
N ASP B 233 -12.22 17.57 38.94
CA ASP B 233 -12.84 18.20 37.77
C ASP B 233 -12.73 17.33 36.50
N TYR B 234 -11.62 16.59 36.40
CA TYR B 234 -11.31 15.76 35.24
C TYR B 234 -10.77 14.40 35.70
N VAL B 235 -11.10 13.36 34.95
CA VAL B 235 -10.52 12.05 35.11
C VAL B 235 -9.94 11.60 33.75
N THR B 236 -8.73 11.07 33.75
CA THR B 236 -8.20 10.40 32.59
C THR B 236 -7.80 8.98 32.99
N SER B 237 -7.83 8.07 32.02
CA SER B 237 -7.46 6.71 32.29
C SER B 237 -7.11 6.06 30.98
N VAL B 238 -5.84 5.73 30.85
CA VAL B 238 -5.35 5.14 29.62
C VAL B 238 -4.90 3.71 29.89
N GLY B 239 -5.50 2.75 29.21
CA GLY B 239 -5.00 1.39 29.29
C GLY B 239 -5.29 0.63 30.56
N MET B 240 -6.40 0.95 31.22
CA MET B 240 -6.77 0.32 32.48
C MET B 240 -7.86 -0.71 32.31
N PHE B 241 -8.89 -0.38 31.54
CA PHE B 241 -10.08 -1.25 31.54
C PHE B 241 -9.92 -2.61 30.87
N GLU B 242 -8.88 -2.76 30.07
CA GLU B 242 -8.54 -4.03 29.46
C GLU B 242 -8.11 -5.06 30.53
N HIS B 243 -7.64 -4.55 31.67
CA HIS B 243 -7.13 -5.41 32.75
C HIS B 243 -8.19 -5.82 33.73
N VAL B 244 -9.36 -5.23 33.61
CA VAL B 244 -10.36 -5.28 34.65
C VAL B 244 -11.21 -6.56 34.63
N GLY B 245 -11.49 -7.09 33.44
CA GLY B 245 -12.36 -8.27 33.25
C GLY B 245 -13.81 -7.84 33.05
N SER B 246 -14.58 -8.69 32.37
CA SER B 246 -15.99 -8.47 32.12
C SER B 246 -16.81 -8.12 33.37
N GLU B 247 -16.65 -8.93 34.41
CA GLU B 247 -17.40 -8.81 35.67
C GLU B 247 -17.18 -7.49 36.41
N ASN B 248 -16.03 -6.86 36.28
CA ASN B 248 -15.75 -5.65 37.04
C ASN B 248 -15.77 -4.40 36.22
N LEU B 249 -16.21 -4.52 34.97
CA LEU B 249 -16.22 -3.39 34.06
C LEU B 249 -17.25 -2.34 34.49
N GLY B 250 -18.46 -2.80 34.82
CA GLY B 250 -19.45 -1.96 35.48
C GLY B 250 -18.83 -1.16 36.61
N GLU B 251 -18.18 -1.86 37.56
CA GLU B 251 -17.53 -1.22 38.71
C GLU B 251 -16.52 -0.14 38.32
N TYR B 252 -15.70 -0.44 37.30
CA TYR B 252 -14.74 0.53 36.77
C TYR B 252 -15.43 1.85 36.38
N PHE B 253 -16.55 1.76 35.66
CA PHE B 253 -17.16 3.02 35.23
C PHE B 253 -17.86 3.77 36.37
N LYS B 254 -18.41 3.02 37.31
CA LYS B 254 -18.96 3.61 38.54
C LYS B 254 -17.86 4.32 39.32
N ASP B 255 -16.67 3.72 39.40
CA ASP B 255 -15.53 4.45 39.97
C ASP B 255 -15.17 5.73 39.24
N VAL B 256 -15.11 5.70 37.90
CA VAL B 256 -14.86 6.93 37.14
C VAL B 256 -15.92 7.99 37.49
N ALA B 257 -17.19 7.57 37.57
CA ALA B 257 -18.28 8.50 37.86
C ALA B 257 -18.13 9.08 39.26
N LYS B 258 -17.95 8.17 40.23
CA LYS B 258 -17.74 8.49 41.64
C LYS B 258 -16.63 9.54 41.82
N TYR B 259 -15.52 9.43 41.09
CA TYR B 259 -14.43 10.41 41.28
C TYR B 259 -14.63 11.71 40.53
N LEU B 260 -15.65 11.78 39.68
CA LEU B 260 -15.97 13.02 38.97
C LEU B 260 -16.90 13.91 39.78
N LYS B 261 -16.56 15.19 39.82
CA LYS B 261 -17.51 16.24 40.19
C LYS B 261 -18.70 16.26 39.22
N ASN B 262 -19.82 16.75 39.71
CA ASN B 262 -20.98 16.97 38.89
C ASN B 262 -20.65 17.89 37.74
N ASP B 263 -21.06 17.46 36.53
CA ASP B 263 -20.72 18.09 35.24
C ASP B 263 -19.21 18.02 34.87
N GLY B 264 -18.48 17.16 35.58
CA GLY B 264 -17.08 16.87 35.28
C GLY B 264 -16.89 16.05 34.00
N VAL B 265 -15.66 16.05 33.49
CA VAL B 265 -15.33 15.44 32.20
C VAL B 265 -14.27 14.35 32.35
N ALA B 266 -14.52 13.18 31.79
CA ALA B 266 -13.53 12.13 31.75
C ALA B 266 -13.16 11.83 30.31
N LEU B 267 -11.88 11.53 30.09
CA LEU B 267 -11.47 10.88 28.89
C LEU B 267 -10.97 9.48 29.22
N ILE B 268 -11.74 8.47 28.81
CA ILE B 268 -11.40 7.07 29.02
C ILE B 268 -10.91 6.48 27.69
N HIS B 269 -9.75 5.83 27.74
CA HIS B 269 -9.05 5.35 26.53
C HIS B 269 -8.75 3.87 26.69
N GLY B 270 -9.14 3.08 25.70
CA GLY B 270 -8.87 1.65 25.77
C GLY B 270 -9.22 0.82 24.58
N ILE B 271 -8.56 -0.33 24.50
CA ILE B 271 -8.82 -1.32 23.46
C ILE B 271 -10.24 -1.88 23.63
N THR B 272 -11.02 -1.85 22.55
CA THR B 272 -12.43 -2.21 22.52
C THR B 272 -12.66 -2.94 21.21
N ARG B 273 -13.50 -3.96 21.23
CA ARG B 273 -13.75 -4.79 20.07
C ARG B 273 -15.17 -4.54 19.53
N GLN B 274 -15.26 -3.91 18.36
CA GLN B 274 -16.54 -3.62 17.72
C GLN B 274 -17.50 -4.82 17.69
N GLN B 275 -16.96 -6.04 17.47
CA GLN B 275 -17.80 -7.23 17.25
C GLN B 275 -18.29 -7.89 18.55
N GLY B 276 -17.69 -7.56 19.69
CA GLY B 276 -18.11 -8.12 20.97
C GLY B 276 -16.86 -8.50 21.71
N GLY B 277 -16.89 -8.50 23.03
CA GLY B 277 -15.68 -8.74 23.80
C GLY B 277 -15.13 -10.15 23.61
N ALA B 278 -13.83 -10.29 23.88
CA ALA B 278 -13.15 -11.59 23.76
C ALA B 278 -11.86 -11.61 24.53
N THR B 279 -11.51 -12.83 24.97
CA THR B 279 -10.18 -13.14 25.46
C THR B 279 -9.55 -14.08 24.44
N ASN B 280 -8.30 -13.84 24.10
CA ASN B 280 -7.58 -14.79 23.26
C ASN B 280 -6.79 -15.73 24.16
N ALA B 281 -6.94 -17.05 23.98
CA ALA B 281 -6.22 -18.01 24.82
C ALA B 281 -4.68 -17.91 24.82
N TRP B 282 -4.09 -17.60 23.66
CA TRP B 282 -2.63 -17.48 23.58
C TRP B 282 -2.15 -16.24 24.35
N ILE B 283 -2.81 -15.09 24.12
CA ILE B 283 -2.43 -13.84 24.80
C ILE B 283 -2.57 -14.00 26.32
N ASN B 284 -3.67 -14.65 26.71
CA ASN B 284 -4.01 -14.90 28.11
C ASN B 284 -2.93 -15.79 28.79
N LYS B 285 -2.48 -16.83 28.10
CA LYS B 285 -1.39 -17.65 28.64
C LYS B 285 -0.03 -16.96 28.66
N TYR B 286 0.34 -16.19 27.64
CA TYR B 286 1.71 -15.70 27.55
C TYR B 286 1.97 -14.22 27.80
N ILE B 287 0.95 -13.37 27.71
CA ILE B 287 1.28 -11.93 27.71
C ILE B 287 0.45 -11.23 28.77
N PHE B 288 -0.87 -11.36 28.70
CA PHE B 288 -1.77 -10.68 29.61
C PHE B 288 -2.74 -11.68 30.21
N PRO B 289 -2.28 -12.44 31.23
CA PRO B 289 -3.24 -13.35 31.90
C PRO B 289 -4.33 -12.53 32.56
N GLY B 290 -5.57 -12.99 32.47
CA GLY B 290 -6.72 -12.22 32.96
C GLY B 290 -7.26 -11.08 32.10
N GLY B 291 -6.43 -10.51 31.23
CA GLY B 291 -6.87 -9.49 30.25
C GLY B 291 -8.08 -9.90 29.42
N TYR B 292 -8.88 -8.90 29.07
CA TYR B 292 -10.14 -9.09 28.36
C TYR B 292 -10.40 -7.80 27.59
N ILE B 293 -10.73 -7.93 26.31
CA ILE B 293 -11.08 -6.76 25.51
C ILE B 293 -12.59 -6.70 25.43
N PRO B 294 -13.18 -5.66 26.02
CA PRO B 294 -14.66 -5.59 26.02
C PRO B 294 -15.22 -5.23 24.64
N GLY B 295 -16.52 -5.47 24.45
CA GLY B 295 -17.21 -5.05 23.23
C GLY B 295 -17.58 -3.57 23.30
N LEU B 296 -17.82 -2.97 22.14
CA LEU B 296 -18.23 -1.57 22.07
C LEU B 296 -19.60 -1.38 22.75
N VAL B 297 -20.55 -2.25 22.40
CA VAL B 297 -21.86 -2.28 23.03
C VAL B 297 -21.68 -2.47 24.55
N GLU B 298 -20.87 -3.47 24.93
CA GLU B 298 -20.60 -3.73 26.31
C GLU B 298 -20.17 -2.47 27.07
N ILE B 299 -19.17 -1.75 26.54
CA ILE B 299 -18.61 -0.58 27.16
C ILE B 299 -19.67 0.52 27.28
N ILE B 300 -20.37 0.82 26.18
CA ILE B 300 -21.36 1.89 26.22
C ILE B 300 -22.40 1.58 27.32
N SER B 301 -22.85 0.32 27.40
CA SER B 301 -23.77 -0.12 28.45
C SER B 301 -23.21 0.16 29.84
N ARG B 302 -21.95 -0.21 30.06
CA ARG B 302 -21.36 0.03 31.36
C ARG B 302 -21.29 1.51 31.65
N ILE B 303 -20.95 2.31 30.63
CA ILE B 303 -20.88 3.76 30.77
C ILE B 303 -22.26 4.32 31.20
N GLU B 304 -23.31 3.96 30.45
CA GLU B 304 -24.66 4.43 30.75
C GLU B 304 -25.14 3.98 32.13
N GLU B 305 -24.74 2.79 32.56
CA GLU B 305 -25.18 2.21 33.83
C GLU B 305 -24.56 2.94 35.01
N ALA B 306 -23.46 3.65 34.76
CA ALA B 306 -22.85 4.52 35.75
C ALA B 306 -23.37 5.95 35.68
N ASN B 307 -24.40 6.19 34.85
CA ASN B 307 -24.97 7.54 34.62
C ASN B 307 -23.98 8.59 34.14
N LEU B 308 -22.97 8.16 33.40
CA LEU B 308 -22.17 9.07 32.61
C LEU B 308 -22.85 9.18 31.26
N GLN B 309 -22.76 10.34 30.63
CA GLN B 309 -23.22 10.45 29.24
C GLN B 309 -22.02 10.54 28.27
N VAL B 310 -22.12 9.78 27.18
CA VAL B 310 -21.09 9.81 26.14
C VAL B 310 -21.22 11.13 25.41
N SER B 311 -20.12 11.87 25.35
CA SER B 311 -20.12 13.13 24.66
C SER B 311 -19.35 13.11 23.32
N ASP B 312 -18.37 12.24 23.17
CA ASP B 312 -17.60 12.08 21.92
C ASP B 312 -17.00 10.69 21.96
N VAL B 313 -16.90 10.03 20.82
CA VAL B 313 -16.19 8.73 20.72
C VAL B 313 -15.27 8.82 19.51
N GLU B 314 -13.98 8.54 19.72
CA GLU B 314 -12.99 8.51 18.62
C GLU B 314 -12.32 7.17 18.50
N MET B 315 -12.23 6.66 17.28
CA MET B 315 -11.58 5.38 17.04
C MET B 315 -10.20 5.65 16.50
N LEU B 316 -9.20 4.98 17.06
CA LEU B 316 -7.79 5.16 16.71
C LEU B 316 -7.10 3.87 16.27
N ARG B 317 -7.90 2.91 15.78
CA ARG B 317 -7.43 1.64 15.25
C ARG B 317 -6.05 1.68 14.55
N ARG B 318 -5.95 2.45 13.47
CA ARG B 318 -4.73 2.46 12.64
C ARG B 318 -3.52 3.00 13.40
N HIS B 319 -3.73 3.88 14.38
CA HIS B 319 -2.66 4.37 15.25
C HIS B 319 -2.04 3.30 16.14
N TYR B 320 -2.86 2.39 16.67
CA TYR B 320 -2.30 1.25 17.40
C TYR B 320 -1.55 0.31 16.48
N GLN B 321 -2.10 0.06 15.28
CA GLN B 321 -1.42 -0.74 14.28
C GLN B 321 0.00 -0.20 14.04
N ARG B 322 0.12 1.09 13.79
CA ARG B 322 1.44 1.67 13.59
C ARG B 322 2.30 1.54 14.84
N THR B 323 1.75 1.87 16.00
CA THR B 323 2.50 1.76 17.25
C THR B 323 3.10 0.37 17.38
N LEU B 324 2.29 -0.66 17.19
CA LEU B 324 2.80 -2.02 17.32
C LEU B 324 3.79 -2.41 16.21
N GLU B 325 3.67 -1.81 15.03
CA GLU B 325 4.63 -2.10 13.96
C GLU B 325 6.00 -1.54 14.32
N ILE B 326 6.03 -0.32 14.85
CA ILE B 326 7.27 0.33 15.22
C ILE B 326 7.90 -0.41 16.40
N TRP B 327 7.10 -0.72 17.43
CA TRP B 327 7.58 -1.56 18.52
C TRP B 327 8.23 -2.83 18.01
N ASP B 328 7.61 -3.49 17.04
CA ASP B 328 8.19 -4.71 16.50
C ASP B 328 9.49 -4.46 15.70
N LYS B 329 9.53 -3.39 14.92
CA LYS B 329 10.73 -2.97 14.22
C LYS B 329 11.86 -2.72 15.24
N ASN B 330 11.58 -1.96 16.30
CA ASN B 330 12.53 -1.73 17.39
C ASN B 330 12.94 -3.00 18.09
N PHE B 331 11.97 -3.87 18.39
CA PHE B 331 12.25 -5.15 19.02
C PHE B 331 13.28 -5.96 18.20
N ASN B 332 13.03 -6.07 16.89
CA ASN B 332 13.87 -6.88 16.02
C ASN B 332 15.30 -6.33 15.86
N ASN B 333 15.39 -5.02 15.63
CA ASN B 333 16.62 -4.26 15.68
C ASN B 333 17.48 -4.48 16.97
N ALA B 334 16.85 -4.75 18.12
CA ALA B 334 17.62 -5.07 19.33
C ALA B 334 17.57 -6.56 19.72
N ARG B 335 17.12 -7.42 18.81
CA ARG B 335 16.94 -8.86 19.09
C ARG B 335 18.23 -9.61 19.49
N PRO B 336 19.41 -9.31 18.86
CA PRO B 336 20.64 -9.97 19.36
C PRO B 336 20.84 -9.82 20.89
N GLU B 337 20.85 -8.57 21.40
CA GLU B 337 20.83 -8.28 22.85
C GLU B 337 19.78 -9.11 23.63
N ILE B 338 18.52 -9.09 23.17
CA ILE B 338 17.40 -9.73 23.87
C ILE B 338 17.51 -11.26 23.85
N GLU B 339 18.02 -11.80 22.74
CA GLU B 339 18.22 -13.25 22.64
C GLU B 339 19.38 -13.76 23.50
N LYS B 340 20.36 -12.89 23.78
CA LYS B 340 21.40 -13.17 24.76
C LYS B 340 20.77 -13.43 26.16
N ASN B 341 19.99 -12.47 26.71
CA ASN B 341 19.39 -12.62 28.06
C ASN B 341 18.23 -13.62 28.11
N MET B 342 17.30 -13.48 27.17
CA MET B 342 16.09 -14.31 27.10
C MET B 342 16.33 -15.37 26.06
N GLY B 343 15.57 -16.47 26.08
CA GLY B 343 15.80 -17.45 25.01
C GLY B 343 15.46 -17.03 23.56
N GLU B 344 15.82 -17.88 22.60
CA GLU B 344 15.21 -17.86 21.26
C GLU B 344 13.67 -17.97 21.38
N ARG B 345 13.20 -18.95 22.17
CA ARG B 345 11.77 -19.14 22.40
C ARG B 345 11.08 -17.86 22.86
N PHE B 346 11.65 -17.17 23.85
CA PHE B 346 11.07 -15.90 24.27
C PHE B 346 10.94 -14.89 23.12
N CYS B 347 12.00 -14.71 22.34
CA CYS B 347 12.00 -13.76 21.24
C CYS B 347 10.97 -14.05 20.15
N ARG B 348 10.77 -15.34 19.86
CA ARG B 348 9.76 -15.75 18.91
C ARG B 348 8.38 -15.35 19.42
N MET B 349 8.11 -15.65 20.69
CA MET B 349 6.87 -15.31 21.37
C MET B 349 6.59 -13.82 21.34
N TRP B 350 7.57 -13.02 21.72
CA TRP B 350 7.40 -11.60 21.75
C TRP B 350 7.11 -11.01 20.36
N ASP B 351 7.89 -11.43 19.37
CA ASP B 351 7.70 -11.05 17.95
C ASP B 351 6.30 -11.42 17.46
N LEU B 352 5.87 -12.65 17.77
CA LEU B 352 4.53 -13.11 17.45
C LEU B 352 3.46 -12.23 18.10
N TYR B 353 3.65 -11.91 19.37
CA TYR B 353 2.77 -11.06 20.11
C TYR B 353 2.62 -9.71 19.41
N LEU B 354 3.73 -9.00 19.21
CA LEU B 354 3.69 -7.68 18.59
C LEU B 354 3.08 -7.70 17.19
N GLN B 355 3.43 -8.70 16.38
CA GLN B 355 2.93 -8.78 15.02
C GLN B 355 1.48 -9.24 14.91
N ALA B 356 1.07 -10.22 15.72
CA ALA B 356 -0.33 -10.60 15.76
C ALA B 356 -1.23 -9.46 16.22
N CYS B 357 -0.80 -8.69 17.22
CA CYS B 357 -1.62 -7.60 17.70
C CYS B 357 -1.75 -6.52 16.66
N ALA B 358 -0.64 -6.22 15.98
CA ALA B 358 -0.68 -5.28 14.87
C ALA B 358 -1.69 -5.73 13.79
N ALA B 359 -1.71 -7.03 13.54
CA ALA B 359 -2.63 -7.59 12.56
C ALA B 359 -4.07 -7.49 13.06
N SER B 360 -4.27 -7.73 14.36
CA SER B 360 -5.58 -7.64 14.98
C SER B 360 -6.24 -6.25 14.81
N PHE B 361 -5.43 -5.19 14.93
CA PHE B 361 -5.87 -3.86 14.60
C PHE B 361 -6.04 -3.65 13.09
N GLU B 362 -5.03 -4.00 12.30
CA GLU B 362 -5.09 -3.86 10.82
C GLU B 362 -6.40 -4.43 10.24
N SER B 363 -6.82 -5.60 10.70
CA SER B 363 -7.99 -6.27 10.18
C SER B 363 -9.31 -5.83 10.78
N GLY B 364 -9.26 -4.95 11.77
CA GLY B 364 -10.47 -4.43 12.38
C GLY B 364 -11.11 -5.46 13.30
N ASN B 365 -10.31 -6.43 13.74
CA ASN B 365 -10.74 -7.40 14.72
C ASN B 365 -10.76 -6.81 16.16
N ILE B 366 -10.03 -5.71 16.35
CA ILE B 366 -9.81 -5.05 17.63
C ILE B 366 -9.69 -3.54 17.30
N ASP B 367 -10.13 -2.67 18.20
CA ASP B 367 -10.07 -1.21 17.97
C ASP B 367 -9.51 -0.52 19.21
N VAL B 368 -9.22 0.77 19.14
CA VAL B 368 -8.87 1.55 20.33
C VAL B 368 -9.71 2.78 20.32
N VAL B 369 -10.28 3.11 21.46
CA VAL B 369 -11.35 4.08 21.47
C VAL B 369 -11.13 5.10 22.58
N GLN B 370 -11.32 6.37 22.28
CA GLN B 370 -11.30 7.39 23.29
C GLN B 370 -12.72 7.89 23.56
N TYR B 371 -13.23 7.62 24.78
CA TYR B 371 -14.58 8.03 25.19
C TYR B 371 -14.50 9.31 26.01
N LEU B 372 -15.13 10.36 25.51
CA LEU B 372 -15.22 11.62 26.25
C LEU B 372 -16.54 11.55 26.96
N LEU B 373 -16.49 11.43 28.29
CA LEU B 373 -17.69 11.24 29.14
C LEU B 373 -17.94 12.45 30.06
N THR B 374 -19.22 12.75 30.30
CA THR B 374 -19.58 13.80 31.25
C THR B 374 -20.55 13.29 32.29
N LYS B 375 -20.33 13.72 33.53
CA LYS B 375 -21.21 13.38 34.64
C LYS B 375 -22.38 14.38 34.70
N GLY B 376 -23.38 14.13 33.86
CA GLY B 376 -24.45 15.05 33.57
C GLY B 376 -24.69 15.07 32.05
N PRO B 377 -25.58 15.96 31.57
CA PRO B 377 -25.92 16.03 30.14
C PRO B 377 -24.70 16.16 29.22
N SER B 378 -24.70 15.38 28.13
CA SER B 378 -23.54 15.29 27.24
C SER B 378 -23.00 16.65 26.84
N GLY B 379 -21.71 16.85 27.11
CA GLY B 379 -20.96 18.02 26.67
C GLY B 379 -21.28 19.33 27.38
N LYS B 380 -21.99 19.26 28.50
CA LYS B 380 -22.48 20.46 29.16
C LYS B 380 -21.38 21.47 29.48
N SER B 381 -20.28 21.05 30.04
CA SER B 381 -19.29 22.07 30.44
C SER B 381 -18.24 22.30 29.35
N LEU B 382 -18.56 21.89 28.11
CA LEU B 382 -17.60 21.86 27.01
C LEU B 382 -18.02 22.76 25.85
N PRO B 383 -17.08 23.15 24.97
CA PRO B 383 -17.55 23.94 23.83
C PRO B 383 -18.57 23.20 22.93
N MET B 384 -19.40 23.97 22.25
CA MET B 384 -20.43 23.47 21.36
C MET B 384 -19.94 22.64 20.17
N THR B 385 -18.71 22.89 19.71
CA THR B 385 -18.14 22.23 18.54
C THR B 385 -16.77 21.67 18.89
N ARG B 386 -16.29 20.73 18.11
CA ARG B 386 -15.07 20.01 18.43
C ARG B 386 -13.81 20.71 17.91
N LYS B 387 -13.97 21.89 17.29
CA LYS B 387 -12.83 22.62 16.75
C LYS B 387 -11.72 22.78 17.81
N TYR B 388 -12.10 22.97 19.08
CA TYR B 388 -11.12 23.07 20.17
C TYR B 388 -10.21 21.86 20.32
N MET B 389 -10.61 20.72 19.77
CA MET B 389 -9.92 19.47 20.04
C MET B 389 -8.54 19.33 19.37
N LEU B 390 -8.28 20.09 18.30
CA LEU B 390 -7.01 20.03 17.52
C LEU B 390 -5.70 20.05 18.30
#